data_6G4Y
#
_entry.id   6G4Y
#
_cell.length_a   143.829
_cell.length_b   143.829
_cell.length_c   45.614
_cell.angle_alpha   90.00
_cell.angle_beta   90.00
_cell.angle_gamma   90.00
#
_symmetry.space_group_name_H-M   'P 43'
#
loop_
_entity.id
_entity.type
_entity.pdbx_description
1 polymer 'Mitogen-activated protein kinase kinase kinase 14'
2 non-polymer 'SULFATE ION'
3 non-polymer 10-[2-[(3~{R})-1-methyl-3-oxidanyl-2-oxidanylidene-pyrrolidin-3-yl]ethynyl]-~{N}3-(oxan-4-yl)-5,6-dihydroimidazo[1,2-d][1,4]benzoxazepine-2,3-dicarboxamide
4 water water
#
_entity_poly.entity_id   1
_entity_poly.type   'polypeptide(L)'
_entity_poly.pdbx_seq_one_letter_code
;GSALEKVPVEEYLVHALQGSVSSGQAHSLASLAKTWSSGSAKLQRLGPETEDNEGVLLTEKLKPVDYEYREEVHWMTHQP
RVGRGSFGEVHRMKDKQTGFQCAVKKVRLEVFRVEELVACAGLSSPRIVPLYGAVREGPWVNIFMELLEGGSLGQLIKQM
GCLPEDRALYYLGQALEGLEYLHTRRILHGDVKADNVLLSSDGSRAALCDFGHALCLQPDGLGKSLLTGDYIPGTETHMA
PEVVMGKPCDAKVDIWSSCCMMLHMLNGCHPWTQYFRGPLCLKIASEPPPIREIPPSCAPLTAQAIQEGLRKEPVHRASA
MELRRKVGKALQEVGGLKSPWKGEYKEPR
;
_entity_poly.pdbx_strand_id   A,B
#
loop_
_chem_comp.id
_chem_comp.type
_chem_comp.name
_chem_comp.formula
ELZ non-polymer 10-[2-[(3~{R})-1-methyl-3-oxidanyl-2-oxidanylidene-pyrrolidin-3-yl]ethynyl]-~{N}3-(oxan-4-yl)-5,6-dihydroimidazo[1,2-d][1,4]benzoxazepine-2,3-dicarboxamide 'C25 H27 N5 O6'
SO4 non-polymer 'SULFATE ION' 'O4 S -2'
#
# COMPACT_ATOMS: atom_id res chain seq x y z
N PRO A 8 14.83 -15.14 5.07
CA PRO A 8 15.72 -14.95 3.91
C PRO A 8 15.04 -14.29 2.70
N VAL A 9 13.77 -14.59 2.48
CA VAL A 9 12.99 -14.02 1.36
C VAL A 9 12.70 -12.51 1.54
N GLU A 10 12.70 -12.00 2.78
CA GLU A 10 12.49 -10.56 3.00
C GLU A 10 13.63 -9.73 2.38
N GLU A 11 14.85 -10.24 2.45
CA GLU A 11 16.01 -9.66 1.75
C GLU A 11 15.67 -9.43 0.27
N TYR A 12 15.11 -10.46 -0.37
CA TYR A 12 14.77 -10.43 -1.81
C TYR A 12 13.56 -9.56 -2.15
N LEU A 13 12.56 -9.56 -1.27
CA LEU A 13 11.38 -8.71 -1.40
C LEU A 13 11.75 -7.24 -1.31
N VAL A 14 12.62 -6.92 -0.37
CA VAL A 14 13.11 -5.56 -0.20
C VAL A 14 13.90 -5.08 -1.43
N HIS A 15 14.78 -5.94 -1.97
N HIS A 15 14.77 -5.93 -1.98
CA HIS A 15 15.56 -5.61 -3.16
CA HIS A 15 15.55 -5.57 -3.17
C HIS A 15 14.68 -5.29 -4.37
C HIS A 15 14.68 -5.28 -4.38
N ALA A 16 13.56 -6.00 -4.50
CA ALA A 16 12.60 -5.79 -5.61
C ALA A 16 11.85 -4.46 -5.52
N LEU A 17 11.73 -3.88 -4.32
CA LEU A 17 11.13 -2.55 -4.13
C LEU A 17 12.12 -1.41 -4.31
N GLN A 18 13.39 -1.64 -3.94
CA GLN A 18 14.43 -0.61 -4.06
C GLN A 18 14.63 -0.20 -5.52
N GLY A 19 14.84 1.09 -5.73
CA GLY A 19 15.03 1.66 -7.06
C GLY A 19 13.78 2.05 -7.83
N SER A 20 12.58 1.69 -7.37
CA SER A 20 11.34 1.97 -8.10
C SER A 20 10.26 2.46 -7.16
N VAL A 21 9.34 3.26 -7.70
CA VAL A 21 8.09 3.58 -7.03
C VAL A 21 7.03 2.65 -7.62
N SER A 22 6.33 1.95 -6.73
CA SER A 22 5.34 0.96 -7.12
C SER A 22 4.01 1.16 -6.41
N SER A 23 2.94 0.64 -6.99
CA SER A 23 1.67 0.48 -6.29
C SER A 23 1.74 -0.81 -5.49
N GLY A 24 1.31 -0.75 -4.25
CA GLY A 24 1.47 -1.87 -3.34
C GLY A 24 0.76 -1.66 -2.03
N GLN A 25 1.11 -2.50 -1.06
CA GLN A 25 0.40 -2.53 0.21
C GLN A 25 1.29 -2.00 1.34
N ALA A 26 0.65 -1.73 2.47
CA ALA A 26 1.30 -1.10 3.62
C ALA A 26 2.55 -1.83 4.12
N HIS A 27 2.49 -3.17 4.15
CA HIS A 27 3.62 -3.99 4.60
C HIS A 27 4.85 -3.90 3.70
N SER A 28 4.64 -3.68 2.40
CA SER A 28 5.74 -3.41 1.47
C SER A 28 6.37 -2.03 1.74
N LEU A 29 5.53 -1.03 1.97
CA LEU A 29 6.01 0.30 2.32
C LEU A 29 6.86 0.30 3.59
N ALA A 30 6.40 -0.42 4.62
CA ALA A 30 7.14 -0.59 5.87
C ALA A 30 8.52 -1.25 5.66
N SER A 31 8.53 -2.33 4.87
CA SER A 31 9.77 -3.02 4.49
C SER A 31 10.78 -2.12 3.79
N LEU A 32 10.28 -1.32 2.84
CA LEU A 32 11.13 -0.38 2.10
C LEU A 32 11.58 0.77 2.98
N ALA A 33 10.66 1.31 3.77
CA ALA A 33 10.95 2.44 4.66
C ALA A 33 12.08 2.16 5.64
N LYS A 34 12.14 0.93 6.16
CA LYS A 34 13.24 0.51 7.04
C LYS A 34 14.64 0.74 6.48
N THR A 35 14.79 0.73 5.15
CA THR A 35 16.09 0.96 4.51
C THR A 35 16.46 2.45 4.40
N TRP A 36 15.58 3.34 4.84
CA TRP A 36 15.83 4.78 4.85
C TRP A 36 16.40 5.24 6.19
N SER A 37 17.33 4.46 6.76
CA SER A 37 17.98 4.71 8.06
C SER A 37 16.97 4.90 9.20
N ASP A 52 17.87 9.30 -6.81
CA ASP A 52 17.24 8.05 -6.38
C ASP A 52 15.77 8.34 -6.06
N ASN A 53 14.87 7.68 -6.80
CA ASN A 53 13.42 7.84 -6.61
C ASN A 53 12.80 6.47 -6.40
N GLU A 54 12.47 6.16 -5.14
CA GLU A 54 11.84 4.89 -4.79
C GLU A 54 10.73 5.14 -3.80
N GLY A 55 9.76 4.22 -3.75
CA GLY A 55 8.64 4.32 -2.81
C GLY A 55 7.53 3.31 -3.03
N VAL A 56 6.48 3.42 -2.23
CA VAL A 56 5.28 2.60 -2.42
C VAL A 56 4.05 3.47 -2.20
N LEU A 57 3.10 3.40 -3.13
CA LEU A 57 1.86 4.17 -3.05
C LEU A 57 0.72 3.21 -2.75
N LEU A 58 -0.04 3.52 -1.70
CA LEU A 58 -1.04 2.61 -1.15
C LEU A 58 -2.42 2.82 -1.70
N THR A 59 -2.61 3.89 -2.46
CA THR A 59 -3.91 4.15 -3.05
C THR A 59 -3.79 4.26 -4.57
N GLU A 60 -4.80 3.71 -5.23
CA GLU A 60 -5.03 3.82 -6.67
C GLU A 60 -5.04 5.28 -7.20
N LYS A 61 -5.42 6.24 -6.35
CA LYS A 61 -5.46 7.66 -6.76
C LYS A 61 -4.08 8.30 -7.04
N LEU A 62 -3.04 7.81 -6.37
CA LEU A 62 -1.64 8.22 -6.64
C LEU A 62 -0.95 7.09 -7.43
N LYS A 63 -0.64 7.34 -8.72
CA LYS A 63 -0.09 6.31 -9.62
C LYS A 63 1.32 6.66 -10.07
N PRO A 64 2.28 5.72 -9.95
CA PRO A 64 3.60 5.98 -10.52
C PRO A 64 3.54 5.93 -12.05
N VAL A 65 4.56 6.51 -12.70
CA VAL A 65 4.65 6.48 -14.16
C VAL A 65 6.05 6.02 -14.54
N ASP A 66 6.11 4.89 -15.22
CA ASP A 66 7.36 4.26 -15.62
C ASP A 66 8.38 4.20 -14.48
N TYR A 67 7.97 3.52 -13.41
CA TYR A 67 8.80 3.25 -12.22
C TYR A 67 9.14 4.48 -11.36
N GLU A 68 8.49 5.61 -11.60
CA GLU A 68 8.84 6.88 -10.96
C GLU A 68 7.65 7.64 -10.38
N TYR A 69 7.95 8.55 -9.47
CA TYR A 69 6.96 9.48 -8.92
C TYR A 69 7.71 10.70 -8.37
N ARG A 70 7.97 11.67 -9.25
CA ARG A 70 8.82 12.82 -8.97
C ARG A 70 8.00 14.11 -8.83
N GLU A 71 8.43 14.99 -7.91
CA GLU A 71 7.73 16.24 -7.65
C GLU A 71 7.85 17.22 -8.83
N GLU A 72 6.76 17.96 -9.05
CA GLU A 72 6.58 18.86 -10.21
C GLU A 72 6.65 18.14 -11.58
N VAL A 73 6.48 16.83 -11.60
CA VAL A 73 6.46 16.03 -12.84
C VAL A 73 5.23 15.13 -12.85
N HIS A 74 5.15 14.26 -11.83
CA HIS A 74 4.02 13.35 -11.63
C HIS A 74 3.05 13.87 -10.56
N TRP A 75 3.51 14.77 -9.70
CA TRP A 75 2.64 15.47 -8.76
C TRP A 75 3.12 16.89 -8.47
N MET A 76 2.19 17.82 -8.31
CA MET A 76 2.47 19.24 -8.06
C MET A 76 1.76 19.74 -6.81
N THR A 77 2.44 20.60 -6.06
CA THR A 77 1.84 21.28 -4.91
C THR A 77 0.90 22.39 -5.40
N HIS A 78 0.01 22.83 -4.51
CA HIS A 78 -0.99 23.88 -4.78
C HIS A 78 -0.34 25.20 -5.26
N GLN A 79 -1.05 25.89 -6.17
CA GLN A 79 -0.54 27.05 -6.96
C GLN A 79 0.58 27.94 -6.33
N PRO A 80 0.26 28.86 -5.38
CA PRO A 80 1.36 29.44 -4.58
C PRO A 80 1.63 28.54 -3.37
N ARG A 81 2.89 28.16 -3.17
CA ARG A 81 3.27 27.13 -2.20
C ARG A 81 3.06 27.57 -0.74
N VAL A 82 1.82 27.46 -0.27
CA VAL A 82 1.49 27.69 1.14
C VAL A 82 1.69 26.40 1.95
N GLY A 83 2.36 26.53 3.10
CA GLY A 83 2.76 25.38 3.93
C GLY A 83 2.21 25.44 5.35
N ARG A 84 1.92 24.27 5.92
CA ARG A 84 1.33 24.15 7.24
C ARG A 84 2.11 23.17 8.11
N GLY A 85 1.76 23.10 9.39
CA GLY A 85 2.54 22.36 10.38
C GLY A 85 3.63 23.22 10.99
N SER A 86 4.33 22.67 11.99
CA SER A 86 5.40 23.38 12.69
C SER A 86 6.47 23.99 11.77
N PHE A 87 6.89 23.23 10.75
CA PHE A 87 8.01 23.61 9.89
C PHE A 87 7.56 24.03 8.49
N GLY A 88 6.27 24.31 8.31
CA GLY A 88 5.69 24.61 6.99
C GLY A 88 5.90 23.51 5.96
N GLU A 89 5.88 22.27 6.44
CA GLU A 89 6.34 21.09 5.69
C GLU A 89 5.20 20.27 5.11
N VAL A 90 3.97 20.69 5.33
CA VAL A 90 2.79 19.96 4.88
C VAL A 90 2.11 20.79 3.82
N HIS A 91 1.73 20.18 2.71
CA HIS A 91 1.20 20.93 1.56
C HIS A 91 0.06 20.20 0.88
N ARG A 92 -0.83 20.98 0.29
CA ARG A 92 -1.88 20.46 -0.58
C ARG A 92 -1.21 20.13 -1.91
N MET A 93 -1.52 18.95 -2.46
CA MET A 93 -0.95 18.50 -3.74
C MET A 93 -1.98 17.79 -4.63
N LYS A 94 -1.57 17.53 -5.87
CA LYS A 94 -2.43 16.92 -6.87
C LYS A 94 -1.59 15.98 -7.75
N ASP A 95 -2.07 14.75 -7.93
CA ASP A 95 -1.48 13.81 -8.87
C ASP A 95 -1.87 14.30 -10.25
N LYS A 96 -0.88 14.54 -11.10
CA LYS A 96 -1.12 15.15 -12.42
C LYS A 96 -1.95 14.25 -13.33
N GLN A 97 -1.74 12.95 -13.24
CA GLN A 97 -2.43 11.95 -14.07
C GLN A 97 -3.91 11.81 -13.66
N THR A 98 -4.16 11.55 -12.38
CA THR A 98 -5.52 11.26 -11.87
C THR A 98 -6.34 12.49 -11.48
N GLY A 99 -5.68 13.60 -11.14
CA GLY A 99 -6.36 14.80 -10.64
C GLY A 99 -6.75 14.73 -9.17
N PHE A 100 -6.45 13.63 -8.50
CA PHE A 100 -6.84 13.44 -7.11
C PHE A 100 -5.97 14.31 -6.21
N GLN A 101 -6.63 15.07 -5.33
CA GLN A 101 -5.95 15.91 -4.37
C GLN A 101 -5.79 15.21 -3.03
N CYS A 102 -4.64 15.41 -2.41
CA CYS A 102 -4.39 14.92 -1.06
C CYS A 102 -3.29 15.78 -0.40
N ALA A 103 -2.68 15.30 0.68
CA ALA A 103 -1.69 16.11 1.41
C ALA A 103 -0.35 15.41 1.43
N VAL A 104 0.71 16.20 1.45
CA VAL A 104 2.09 15.67 1.47
C VAL A 104 2.88 16.32 2.59
N LYS A 105 3.60 15.51 3.36
CA LYS A 105 4.48 15.99 4.43
C LYS A 105 5.91 15.71 4.04
N LYS A 106 6.71 16.76 3.88
CA LYS A 106 8.14 16.59 3.64
C LYS A 106 8.91 16.31 4.93
N VAL A 107 9.72 15.28 4.91
CA VAL A 107 10.65 14.97 5.99
C VAL A 107 12.02 14.88 5.34
N ARG A 108 13.04 15.49 5.94
CA ARG A 108 14.40 15.37 5.44
C ARG A 108 14.85 13.93 5.67
N LEU A 109 15.40 13.32 4.62
CA LEU A 109 15.88 11.94 4.66
C LEU A 109 16.94 11.72 5.75
N GLU A 110 17.83 12.67 5.92
CA GLU A 110 18.94 12.52 6.88
C GLU A 110 18.47 12.35 8.34
N VAL A 111 17.31 12.92 8.69
CA VAL A 111 16.75 12.78 10.05
C VAL A 111 15.46 11.95 10.08
N PHE A 112 15.19 11.20 9.01
CA PHE A 112 13.94 10.44 8.89
C PHE A 112 13.95 9.29 9.88
N ARG A 113 12.85 9.15 10.62
CA ARG A 113 12.68 8.07 11.59
C ARG A 113 11.81 6.98 11.00
N VAL A 114 12.39 5.78 10.92
CA VAL A 114 11.73 4.58 10.39
C VAL A 114 10.32 4.36 10.95
N GLU A 115 10.16 4.67 12.25
CA GLU A 115 8.93 4.47 13.01
C GLU A 115 7.75 5.27 12.47
N GLU A 116 8.02 6.43 11.89
CA GLU A 116 6.93 7.27 11.37
C GLU A 116 6.07 6.51 10.37
N LEU A 117 6.70 5.70 9.52
CA LEU A 117 5.98 4.87 8.56
C LEU A 117 5.68 3.50 9.13
N VAL A 118 6.64 2.87 9.81
CA VAL A 118 6.45 1.53 10.42
C VAL A 118 5.27 1.47 11.40
N ALA A 119 5.04 2.56 12.14
CA ALA A 119 3.88 2.68 13.03
C ALA A 119 2.57 2.79 12.26
N CYS A 120 2.40 3.84 11.46
CA CYS A 120 1.11 4.12 10.81
C CYS A 120 0.74 3.23 9.59
N ALA A 121 1.74 2.53 9.03
CA ALA A 121 1.50 1.69 7.84
C ALA A 121 0.73 0.45 8.25
N GLY A 122 -0.45 0.26 7.65
CA GLY A 122 -1.30 -0.89 7.93
C GLY A 122 -2.39 -0.62 8.96
N LEU A 123 -2.32 0.54 9.62
CA LEU A 123 -3.36 0.96 10.54
C LEU A 123 -4.61 1.31 9.73
N SER A 124 -5.76 1.12 10.35
CA SER A 124 -7.02 1.43 9.71
C SER A 124 -8.05 1.74 10.80
N SER A 125 -8.12 3.02 11.15
CA SER A 125 -9.06 3.51 12.14
C SER A 125 -9.58 4.87 11.69
N PRO A 126 -10.87 5.16 11.92
CA PRO A 126 -11.41 6.50 11.60
C PRO A 126 -10.92 7.63 12.50
N ARG A 127 -10.21 7.28 13.58
CA ARG A 127 -9.56 8.26 14.48
C ARG A 127 -8.08 8.49 14.20
N ILE A 128 -7.54 7.84 13.16
CA ILE A 128 -6.17 8.06 12.70
C ILE A 128 -6.23 8.43 11.22
N VAL A 129 -5.43 9.42 10.84
CA VAL A 129 -5.42 9.93 9.47
C VAL A 129 -4.80 8.87 8.57
N PRO A 130 -5.49 8.50 7.46
CA PRO A 130 -4.96 7.41 6.63
C PRO A 130 -3.68 7.78 5.86
N LEU A 131 -2.77 6.81 5.74
CA LEU A 131 -1.52 6.95 4.98
C LEU A 131 -1.79 6.50 3.55
N TYR A 132 -1.43 7.35 2.58
CA TYR A 132 -1.62 7.08 1.15
C TYR A 132 -0.35 6.62 0.42
N GLY A 133 0.81 6.80 1.06
CA GLY A 133 2.08 6.33 0.50
C GLY A 133 3.26 7.10 1.03
N ALA A 134 4.44 6.73 0.54
CA ALA A 134 5.68 7.47 0.85
C ALA A 134 6.71 7.24 -0.24
N VAL A 135 7.22 8.32 -0.80
CA VAL A 135 8.17 8.26 -1.90
C VAL A 135 9.41 9.06 -1.55
N ARG A 136 10.56 8.42 -1.63
CA ARG A 136 11.85 9.08 -1.45
C ARG A 136 12.27 9.70 -2.77
N GLU A 137 12.71 10.96 -2.72
CA GLU A 137 13.30 11.63 -3.87
C GLU A 137 14.44 12.53 -3.40
N GLY A 138 15.67 12.04 -3.63
CA GLY A 138 16.89 12.77 -3.27
C GLY A 138 17.02 12.90 -1.76
N PRO A 139 17.18 14.14 -1.25
CA PRO A 139 17.22 14.35 0.21
C PRO A 139 15.86 14.35 0.94
N TRP A 140 14.75 14.20 0.22
CA TRP A 140 13.41 14.22 0.80
C TRP A 140 12.77 12.83 0.89
N VAL A 141 12.00 12.63 1.95
CA VAL A 141 11.00 11.59 2.03
C VAL A 141 9.67 12.35 2.02
N ASN A 142 8.89 12.14 0.95
CA ASN A 142 7.55 12.73 0.83
C ASN A 142 6.52 11.73 1.30
N ILE A 143 5.76 12.07 2.35
CA ILE A 143 4.76 11.17 2.92
C ILE A 143 3.36 11.68 2.59
N PHE A 144 2.56 10.86 1.91
CA PHE A 144 1.25 11.27 1.41
C PHE A 144 0.13 10.79 2.33
N MET A 145 -0.95 11.55 2.41
CA MET A 145 -2.08 11.23 3.28
C MET A 145 -3.35 11.98 2.88
N GLU A 146 -4.48 11.59 3.49
CA GLU A 146 -5.76 12.22 3.22
C GLU A 146 -5.69 13.70 3.60
N LEU A 147 -6.26 14.52 2.74
CA LEU A 147 -6.40 15.95 2.99
C LEU A 147 -7.70 16.12 3.74
N LEU A 148 -7.61 16.50 5.02
CA LEU A 148 -8.78 16.83 5.83
C LEU A 148 -8.96 18.35 5.85
N GLU A 149 -10.10 18.79 5.31
CA GLU A 149 -10.33 20.21 4.98
C GLU A 149 -10.71 21.13 6.15
N GLY A 150 -11.05 20.55 7.30
CA GLY A 150 -11.35 21.32 8.49
C GLY A 150 -10.18 21.98 9.17
N GLY A 151 -8.95 21.55 8.86
CA GLY A 151 -7.75 22.10 9.50
C GLY A 151 -7.50 21.46 10.85
N SER A 152 -6.35 21.75 11.45
CA SER A 152 -5.99 21.16 12.74
C SER A 152 -6.78 21.79 13.88
N LEU A 153 -6.88 21.03 14.97
CA LEU A 153 -7.50 21.50 16.22
C LEU A 153 -6.73 22.69 16.81
N GLY A 154 -5.43 22.77 16.53
CA GLY A 154 -4.63 23.92 16.87
C GLY A 154 -5.11 25.20 16.21
N GLN A 155 -5.40 25.12 14.91
CA GLN A 155 -5.96 26.26 14.16
C GLN A 155 -7.36 26.67 14.66
N LEU A 156 -8.17 25.68 15.06
CA LEU A 156 -9.48 25.95 15.64
C LEU A 156 -9.39 26.73 16.95
N ILE A 157 -8.48 26.32 17.83
CA ILE A 157 -8.30 27.01 19.12
C ILE A 157 -7.92 28.49 18.90
N LYS A 158 -6.97 28.75 18.00
CA LYS A 158 -6.54 30.13 17.68
C LYS A 158 -7.68 30.98 17.14
N GLN A 159 -8.46 30.40 16.24
CA GLN A 159 -9.56 31.08 15.58
C GLN A 159 -10.69 31.41 16.57
N MET A 160 -11.08 30.44 17.38
CA MET A 160 -12.17 30.60 18.34
C MET A 160 -11.73 31.15 19.71
N GLY A 161 -10.43 31.31 19.93
CA GLY A 161 -9.90 31.78 21.21
C GLY A 161 -9.72 30.62 22.16
N CYS A 162 -10.84 30.00 22.53
CA CYS A 162 -10.83 28.68 23.17
C CYS A 162 -12.18 27.98 22.94
N LEU A 163 -12.23 26.67 23.18
CA LEU A 163 -13.42 25.86 22.87
C LEU A 163 -14.35 25.73 24.06
N PRO A 164 -15.68 25.68 23.81
CA PRO A 164 -16.59 25.37 24.92
C PRO A 164 -16.38 23.95 25.46
N GLU A 165 -16.80 23.72 26.70
CA GLU A 165 -16.52 22.47 27.41
C GLU A 165 -16.96 21.22 26.65
N ASP A 166 -18.19 21.21 26.13
CA ASP A 166 -18.76 20.05 25.44
C ASP A 166 -17.98 19.68 24.16
N ARG A 167 -17.60 20.69 23.39
CA ARG A 167 -16.76 20.53 22.19
C ARG A 167 -15.36 20.06 22.58
N ALA A 168 -14.80 20.60 23.66
CA ALA A 168 -13.49 20.16 24.17
C ALA A 168 -13.52 18.68 24.59
N LEU A 169 -14.56 18.27 25.30
CA LEU A 169 -14.72 16.87 25.70
C LEU A 169 -14.86 15.97 24.46
N TYR A 170 -15.75 16.37 23.56
CA TYR A 170 -16.04 15.62 22.34
C TYR A 170 -14.77 15.27 21.56
N TYR A 171 -13.89 16.24 21.33
CA TYR A 171 -12.63 15.99 20.64
C TYR A 171 -11.61 15.21 21.49
N LEU A 172 -11.55 15.47 22.79
CA LEU A 172 -10.65 14.72 23.65
C LEU A 172 -10.98 13.23 23.58
N GLY A 173 -12.27 12.92 23.60
CA GLY A 173 -12.74 11.54 23.50
C GLY A 173 -12.33 10.85 22.22
N GLN A 174 -12.40 11.59 21.11
CA GLN A 174 -12.02 11.05 19.81
C GLN A 174 -10.53 10.82 19.73
N ALA A 175 -9.76 11.75 20.27
CA ALA A 175 -8.30 11.58 20.37
C ALA A 175 -7.94 10.32 21.16
N LEU A 176 -8.59 10.16 22.31
CA LEU A 176 -8.44 8.98 23.15
C LEU A 176 -8.89 7.67 22.47
N GLU A 177 -9.92 7.72 21.63
CA GLU A 177 -10.26 6.54 20.81
C GLU A 177 -9.09 6.12 19.90
N GLY A 178 -8.47 7.09 19.25
CA GLY A 178 -7.28 6.85 18.45
C GLY A 178 -6.13 6.26 19.26
N LEU A 179 -5.91 6.80 20.46
CA LEU A 179 -4.87 6.30 21.37
C LEU A 179 -5.15 4.88 21.88
N GLU A 180 -6.41 4.52 22.12
CA GLU A 180 -6.76 3.12 22.46
C GLU A 180 -6.30 2.18 21.36
N TYR A 181 -6.67 2.54 20.14
CA TYR A 181 -6.30 1.82 18.94
C TYR A 181 -4.76 1.67 18.80
N LEU A 182 -4.01 2.76 18.99
CA LEU A 182 -2.54 2.71 18.93
C LEU A 182 -1.94 1.93 20.10
N HIS A 183 -2.45 2.16 21.31
CA HIS A 183 -1.92 1.50 22.51
C HIS A 183 -2.17 -0.01 22.50
N THR A 184 -3.33 -0.45 21.98
CA THR A 184 -3.62 -1.89 21.79
C THR A 184 -2.56 -2.59 20.90
N ARG A 185 -2.05 -1.88 19.90
CA ARG A 185 -0.96 -2.38 19.06
C ARG A 185 0.44 -2.00 19.58
N ARG A 186 0.54 -1.66 20.87
CA ARG A 186 1.80 -1.25 21.50
C ARG A 186 2.55 -0.12 20.78
N ILE A 187 1.80 0.84 20.25
CA ILE A 187 2.37 2.03 19.60
C ILE A 187 2.08 3.26 20.45
N LEU A 188 3.13 4.04 20.72
CA LEU A 188 3.05 5.34 21.40
C LEU A 188 3.01 6.43 20.34
N HIS A 189 2.10 7.40 20.44
CA HIS A 189 2.09 8.54 19.49
C HIS A 189 3.32 9.45 19.71
N GLY A 190 3.60 9.80 20.96
CA GLY A 190 4.81 10.54 21.33
C GLY A 190 4.75 12.07 21.30
N ASP A 191 3.66 12.65 20.78
CA ASP A 191 3.53 14.11 20.63
C ASP A 191 2.05 14.48 20.40
N VAL A 192 1.22 14.12 21.38
CA VAL A 192 -0.22 14.37 21.28
C VAL A 192 -0.50 15.83 21.63
N LYS A 193 -1.18 16.52 20.71
CA LYS A 193 -1.51 17.92 20.92
C LYS A 193 -2.47 18.41 19.83
N ALA A 194 -3.01 19.62 20.03
CA ALA A 194 -4.02 20.18 19.14
C ALA A 194 -3.53 20.30 17.69
N ASP A 195 -2.26 20.70 17.50
CA ASP A 195 -1.65 20.77 16.16
C ASP A 195 -1.60 19.41 15.43
N ASN A 196 -1.60 18.31 16.17
CA ASN A 196 -1.61 16.95 15.59
C ASN A 196 -2.97 16.25 15.60
N VAL A 197 -4.06 17.00 15.73
CA VAL A 197 -5.41 16.44 15.54
C VAL A 197 -6.04 17.19 14.39
N LEU A 198 -6.41 16.47 13.34
CA LEU A 198 -7.01 17.10 12.14
C LEU A 198 -8.51 16.88 12.12
N LEU A 199 -9.22 17.91 11.69
CA LEU A 199 -10.68 17.89 11.68
C LEU A 199 -11.23 17.79 10.25
N SER A 200 -12.33 17.06 10.10
CA SER A 200 -13.08 17.03 8.84
C SER A 200 -13.76 18.37 8.56
N SER A 201 -14.25 18.54 7.33
CA SER A 201 -14.76 19.85 6.84
C SER A 201 -15.95 20.43 7.63
N ASP A 202 -16.78 19.57 8.23
CA ASP A 202 -17.88 20.03 9.12
C ASP A 202 -17.52 20.09 10.61
N GLY A 203 -16.36 19.55 10.99
CA GLY A 203 -15.84 19.63 12.36
C GLY A 203 -16.17 18.44 13.24
N SER A 204 -16.92 17.47 12.72
CA SER A 204 -17.50 16.41 13.55
C SER A 204 -16.61 15.18 13.73
N ARG A 205 -15.55 15.06 12.94
CA ARG A 205 -14.63 13.94 13.05
C ARG A 205 -13.22 14.47 13.26
N ALA A 206 -12.55 13.93 14.27
CA ALA A 206 -11.19 14.32 14.62
C ALA A 206 -10.31 13.10 14.46
N ALA A 207 -9.11 13.30 13.92
CA ALA A 207 -8.17 12.21 13.74
C ALA A 207 -6.76 12.63 14.06
N LEU A 208 -6.01 11.71 14.67
CA LEU A 208 -4.61 11.92 15.02
C LEU A 208 -3.72 11.90 13.78
N CYS A 209 -2.81 12.85 13.66
CA CYS A 209 -1.79 12.84 12.61
C CYS A 209 -0.42 13.04 13.22
N ASP A 210 0.59 13.03 12.34
CA ASP A 210 2.02 13.22 12.67
C ASP A 210 2.63 12.16 13.59
N PHE A 211 3.08 11.06 12.99
CA PHE A 211 3.74 9.97 13.72
C PHE A 211 5.27 10.08 13.77
N GLY A 212 5.81 11.28 13.56
CA GLY A 212 7.26 11.53 13.60
C GLY A 212 7.95 11.26 14.92
N HIS A 213 7.21 11.34 16.03
CA HIS A 213 7.74 11.01 17.36
C HIS A 213 7.26 9.64 17.85
N ALA A 214 6.67 8.82 16.98
CA ALA A 214 6.07 7.54 17.39
C ALA A 214 7.11 6.55 17.86
N LEU A 215 6.65 5.49 18.51
CA LEU A 215 7.52 4.57 19.22
C LEU A 215 6.81 3.24 19.44
N CYS A 216 7.51 2.14 19.17
CA CYS A 216 6.99 0.78 19.40
C CYS A 216 7.38 0.36 20.80
N LEU A 217 6.46 -0.30 21.51
CA LEU A 217 6.57 -0.59 22.95
C LEU A 217 6.63 -2.09 23.27
N GLN A 218 6.86 -2.40 24.56
CA GLN A 218 6.81 -3.78 25.09
C GLN A 218 6.49 -3.82 26.59
N SER A 225 13.23 4.12 29.54
CA SER A 225 13.12 5.55 29.31
C SER A 225 13.36 5.91 27.85
N LEU A 226 13.07 7.16 27.50
CA LEU A 226 13.09 7.63 26.12
C LEU A 226 14.40 8.33 25.72
N LEU A 227 15.18 8.82 26.69
CA LEU A 227 16.32 9.69 26.40
C LEU A 227 17.60 8.94 25.99
N THR A 228 17.59 8.41 24.76
CA THR A 228 18.71 7.62 24.21
C THR A 228 18.80 7.73 22.67
N GLY A 229 19.77 8.53 22.18
CA GLY A 229 20.15 8.56 20.76
C GLY A 229 19.09 8.92 19.73
N ASP A 230 18.41 7.88 19.20
CA ASP A 230 17.33 8.01 18.19
C ASP A 230 16.17 8.98 18.56
N TYR A 231 15.91 9.16 19.85
CA TYR A 231 14.72 9.89 20.32
C TYR A 231 14.71 11.38 20.00
N ILE A 232 13.65 11.82 19.31
CA ILE A 232 13.29 13.23 19.18
C ILE A 232 12.09 13.47 20.12
N PRO A 233 12.25 14.38 21.13
CA PRO A 233 11.20 14.60 22.10
C PRO A 233 10.03 15.40 21.55
N GLY A 234 8.86 15.20 22.14
CA GLY A 234 7.67 15.96 21.76
C GLY A 234 7.67 17.35 22.37
N THR A 235 6.49 17.97 22.33
CA THR A 235 6.30 19.34 22.74
C THR A 235 6.54 19.49 24.24
N GLU A 236 7.36 20.48 24.62
CA GLU A 236 7.79 20.67 26.00
C GLU A 236 6.63 20.87 27.00
N THR A 237 5.65 21.68 26.64
CA THR A 237 4.55 21.99 27.53
C THR A 237 3.72 20.75 27.85
N HIS A 238 3.57 19.85 26.87
CA HIS A 238 2.75 18.62 27.01
C HIS A 238 3.54 17.38 27.50
N MET A 239 4.80 17.56 27.89
CA MET A 239 5.65 16.45 28.36
C MET A 239 5.23 15.97 29.73
N ALA A 240 5.16 14.66 29.89
CA ALA A 240 4.86 14.05 31.18
C ALA A 240 6.11 14.06 32.07
N PRO A 241 5.91 13.97 33.40
CA PRO A 241 7.04 14.03 34.32
C PRO A 241 8.09 12.94 34.09
N GLU A 242 7.66 11.70 33.85
CA GLU A 242 8.59 10.60 33.62
C GLU A 242 9.46 10.81 32.36
N VAL A 243 8.94 11.55 31.37
CA VAL A 243 9.72 11.94 30.19
C VAL A 243 10.87 12.89 30.57
N VAL A 244 10.56 13.94 31.33
CA VAL A 244 11.54 15.00 31.65
C VAL A 244 12.59 14.61 32.69
N MET A 245 12.22 13.72 33.61
CA MET A 245 13.15 13.21 34.63
C MET A 245 14.00 12.04 34.12
N GLY A 246 13.70 11.53 32.92
CA GLY A 246 14.41 10.38 32.35
C GLY A 246 14.02 9.05 32.96
N LYS A 247 12.85 8.98 33.59
CA LYS A 247 12.31 7.73 34.16
C LYS A 247 11.75 6.84 33.04
N PRO A 248 11.45 5.56 33.36
CA PRO A 248 10.89 4.68 32.30
C PRO A 248 9.48 5.11 31.87
N CYS A 249 9.17 4.91 30.60
CA CYS A 249 7.97 5.47 29.97
C CYS A 249 7.17 4.39 29.21
N ASP A 250 5.85 4.43 29.33
CA ASP A 250 4.98 3.53 28.59
C ASP A 250 3.88 4.35 27.91
N ALA A 251 2.80 3.69 27.46
CA ALA A 251 1.71 4.37 26.76
C ALA A 251 1.06 5.51 27.55
N LYS A 252 1.17 5.49 28.87
CA LYS A 252 0.61 6.56 29.70
C LYS A 252 1.14 7.96 29.34
N VAL A 253 2.37 8.03 28.82
CA VAL A 253 2.94 9.28 28.30
C VAL A 253 1.90 10.08 27.48
N ASP A 254 1.27 9.41 26.52
CA ASP A 254 0.27 10.04 25.63
C ASP A 254 -0.92 10.64 26.39
N ILE A 255 -1.32 10.00 27.49
CA ILE A 255 -2.49 10.41 28.26
C ILE A 255 -2.26 11.77 28.93
N TRP A 256 -1.07 11.94 29.51
CA TRP A 256 -0.67 13.23 30.08
C TRP A 256 -0.77 14.35 29.05
N SER A 257 -0.19 14.10 27.87
CA SER A 257 -0.26 15.03 26.73
C SER A 257 -1.69 15.36 26.30
N SER A 258 -2.53 14.33 26.24
CA SER A 258 -3.92 14.51 25.87
C SER A 258 -4.64 15.44 26.84
N CYS A 259 -4.29 15.33 28.13
CA CYS A 259 -4.90 16.22 29.12
C CYS A 259 -4.28 17.61 29.12
N CYS A 260 -3.01 17.73 28.74
CA CYS A 260 -2.43 19.06 28.47
C CYS A 260 -3.13 19.73 27.26
N MET A 261 -3.51 18.91 26.28
CA MET A 261 -4.29 19.36 25.12
C MET A 261 -5.70 19.81 25.56
N MET A 262 -6.27 19.09 26.52
CA MET A 262 -7.57 19.46 27.09
C MET A 262 -7.56 20.86 27.70
N LEU A 263 -6.53 21.13 28.49
CA LEU A 263 -6.34 22.43 29.11
C LEU A 263 -6.13 23.54 28.07
N HIS A 264 -5.40 23.23 27.00
CA HIS A 264 -5.18 24.16 25.89
C HIS A 264 -6.51 24.50 25.21
N MET A 265 -7.34 23.49 24.96
CA MET A 265 -8.65 23.70 24.35
C MET A 265 -9.54 24.60 25.20
N LEU A 266 -9.53 24.36 26.52
CA LEU A 266 -10.39 25.11 27.44
C LEU A 266 -9.89 26.52 27.72
N ASN A 267 -8.61 26.63 28.04
CA ASN A 267 -8.01 27.90 28.46
C ASN A 267 -7.56 28.75 27.28
N GLY A 268 -7.29 28.12 26.13
CA GLY A 268 -6.79 28.82 24.96
C GLY A 268 -5.30 29.10 25.01
N CYS A 269 -4.60 28.48 25.96
CA CYS A 269 -3.14 28.54 26.05
C CYS A 269 -2.62 27.26 26.66
N HIS A 270 -1.38 26.92 26.34
CA HIS A 270 -0.75 25.70 26.85
C HIS A 270 -0.62 25.79 28.37
N PRO A 271 -0.63 24.64 29.07
CA PRO A 271 -0.29 24.67 30.51
C PRO A 271 1.16 25.12 30.75
N TRP A 272 1.42 25.62 31.96
CA TRP A 272 2.73 26.12 32.39
C TRP A 272 3.17 27.48 31.84
N THR A 273 2.74 27.87 30.62
CA THR A 273 3.25 29.09 29.98
C THR A 273 2.91 30.37 30.76
N GLN A 274 1.71 30.40 31.35
CA GLN A 274 1.23 31.59 32.06
C GLN A 274 1.95 31.84 33.40
N TYR A 275 2.33 30.76 34.09
CA TYR A 275 2.86 30.84 35.47
C TYR A 275 4.37 30.74 35.59
N PHE A 276 5.06 30.32 34.53
CA PHE A 276 6.51 30.09 34.57
C PHE A 276 7.14 30.45 33.21
N ARG A 277 8.21 31.24 33.26
CA ARG A 277 8.87 31.77 32.06
C ARG A 277 10.09 30.94 31.62
N GLY A 278 10.92 30.54 32.59
CA GLY A 278 12.17 29.80 32.33
C GLY A 278 11.97 28.40 31.76
N PRO A 279 13.03 27.57 31.73
CA PRO A 279 12.90 26.20 31.18
C PRO A 279 11.78 25.38 31.85
N LEU A 280 10.75 25.06 31.07
CA LEU A 280 9.51 24.48 31.62
C LEU A 280 9.64 23.02 32.07
N CYS A 281 10.60 22.30 31.50
CA CYS A 281 10.86 20.91 31.85
C CYS A 281 11.36 20.69 33.28
N LEU A 282 11.98 21.72 33.88
CA LEU A 282 12.42 21.65 35.28
C LEU A 282 11.23 21.82 36.24
N LYS A 283 10.30 22.69 35.86
CA LYS A 283 9.06 22.89 36.63
C LYS A 283 8.07 21.71 36.52
N ILE A 284 8.02 21.03 35.37
CA ILE A 284 7.22 19.81 35.23
C ILE A 284 7.68 18.75 36.24
N ALA A 285 8.99 18.61 36.40
CA ALA A 285 9.57 17.62 37.31
C ALA A 285 9.27 17.90 38.79
N SER A 286 9.53 19.13 39.22
CA SER A 286 9.43 19.53 40.64
C SER A 286 8.02 19.83 41.11
N GLU A 287 7.26 20.58 40.29
CA GLU A 287 5.96 21.14 40.71
C GLU A 287 4.85 20.09 40.66
N PRO A 288 3.73 20.35 41.38
CA PRO A 288 2.58 19.46 41.23
C PRO A 288 1.96 19.57 39.84
N PRO A 289 1.19 18.55 39.41
CA PRO A 289 0.63 18.58 38.06
C PRO A 289 -0.31 19.77 37.91
N PRO A 290 -0.49 20.28 36.68
CA PRO A 290 -1.15 21.57 36.50
C PRO A 290 -2.69 21.53 36.60
N ILE A 291 -3.20 20.94 37.67
CA ILE A 291 -4.66 20.81 37.87
C ILE A 291 -5.33 22.11 38.36
N ARG A 292 -4.55 23.06 38.90
CA ARG A 292 -5.05 24.42 39.16
C ARG A 292 -5.47 25.16 37.88
N GLU A 293 -4.93 24.75 36.74
CA GLU A 293 -5.31 25.34 35.45
C GLU A 293 -6.68 24.87 34.90
N ILE A 294 -7.31 23.92 35.58
CA ILE A 294 -8.65 23.49 35.23
C ILE A 294 -9.59 24.64 35.55
N PRO A 295 -10.39 25.12 34.57
CA PRO A 295 -11.36 26.18 34.85
C PRO A 295 -12.32 25.82 36.00
N PRO A 296 -12.58 26.76 36.93
CA PRO A 296 -13.60 26.49 37.96
C PRO A 296 -15.03 26.27 37.43
N SER A 297 -15.37 26.87 36.30
CA SER A 297 -16.71 26.71 35.69
C SER A 297 -16.98 25.34 35.04
N CYS A 298 -15.94 24.52 34.83
CA CYS A 298 -16.11 23.15 34.31
C CYS A 298 -16.91 22.30 35.27
N ALA A 299 -17.63 21.32 34.71
CA ALA A 299 -18.45 20.39 35.50
C ALA A 299 -17.54 19.41 36.26
N PRO A 300 -18.03 18.85 37.39
CA PRO A 300 -17.17 18.05 38.28
C PRO A 300 -16.44 16.89 37.61
N LEU A 301 -17.13 16.12 36.78
CA LEU A 301 -16.53 14.96 36.11
C LEU A 301 -15.56 15.32 34.98
N THR A 302 -15.67 16.54 34.43
CA THR A 302 -14.69 17.08 33.50
C THR A 302 -13.37 17.32 34.25
N ALA A 303 -13.48 17.94 35.43
CA ALA A 303 -12.33 18.22 36.29
C ALA A 303 -11.75 16.93 36.86
N GLN A 304 -12.62 16.02 37.28
CA GLN A 304 -12.20 14.68 37.74
C GLN A 304 -11.44 13.91 36.66
N ALA A 305 -11.90 13.97 35.42
CA ALA A 305 -11.26 13.26 34.31
C ALA A 305 -9.85 13.79 34.02
N ILE A 306 -9.74 15.11 33.95
CA ILE A 306 -8.45 15.77 33.66
C ILE A 306 -7.42 15.47 34.75
N GLN A 307 -7.86 15.45 36.01
CA GLN A 307 -7.02 15.11 37.16
C GLN A 307 -6.46 13.69 37.09
N GLU A 308 -7.26 12.75 36.58
CA GLU A 308 -6.85 11.34 36.50
C GLU A 308 -5.84 11.09 35.39
N GLY A 309 -5.97 11.83 34.29
CA GLY A 309 -4.99 11.81 33.21
C GLY A 309 -3.72 12.62 33.49
N LEU A 310 -3.73 13.47 34.53
CA LEU A 310 -2.55 14.27 34.94
C LEU A 310 -1.93 13.85 36.29
N ARG A 311 -1.97 12.55 36.59
CA ARG A 311 -1.29 12.02 37.76
C ARG A 311 0.18 11.89 37.40
N LYS A 312 1.07 12.34 38.30
CA LYS A 312 2.50 12.35 38.01
C LYS A 312 3.14 10.97 37.83
N GLU A 313 2.72 9.98 38.62
CA GLU A 313 3.21 8.59 38.45
C GLU A 313 2.35 7.86 37.43
N PRO A 314 2.96 7.32 36.34
CA PRO A 314 2.15 6.61 35.34
C PRO A 314 1.32 5.43 35.86
N VAL A 315 1.79 4.76 36.91
CA VAL A 315 1.02 3.65 37.48
C VAL A 315 -0.35 4.14 38.00
N HIS A 316 -0.38 5.33 38.61
CA HIS A 316 -1.64 5.91 39.10
C HIS A 316 -2.50 6.63 38.04
N ARG A 317 -1.94 6.86 36.85
CA ARG A 317 -2.58 7.66 35.81
C ARG A 317 -3.52 6.81 34.96
N ALA A 318 -4.64 7.40 34.54
CA ALA A 318 -5.65 6.69 33.75
C ALA A 318 -5.08 6.19 32.42
N SER A 319 -5.52 5.01 32.00
CA SER A 319 -5.20 4.48 30.68
C SER A 319 -6.08 5.16 29.64
N ALA A 320 -5.82 4.89 28.37
CA ALA A 320 -6.63 5.44 27.29
C ALA A 320 -8.09 5.00 27.38
N MET A 321 -8.30 3.71 27.61
CA MET A 321 -9.65 3.15 27.70
C MET A 321 -10.39 3.74 28.89
N GLU A 322 -9.74 3.71 30.05
CA GLU A 322 -10.31 4.27 31.29
C GLU A 322 -10.73 5.73 31.13
N LEU A 323 -9.85 6.54 30.53
CA LEU A 323 -10.09 7.98 30.38
C LEU A 323 -11.11 8.28 29.29
N ARG A 324 -11.13 7.49 28.22
CA ARG A 324 -12.09 7.68 27.15
C ARG A 324 -13.51 7.47 27.66
N ARG A 325 -13.69 6.50 28.55
CA ARG A 325 -14.98 6.22 29.17
C ARG A 325 -15.48 7.34 30.09
N LYS A 326 -14.59 7.91 30.89
CA LYS A 326 -14.98 9.03 31.76
C LYS A 326 -15.34 10.27 30.99
N VAL A 327 -14.50 10.59 30.01
CA VAL A 327 -14.71 11.72 29.14
C VAL A 327 -16.04 11.57 28.40
N GLY A 328 -16.33 10.35 27.95
CA GLY A 328 -17.59 10.03 27.30
C GLY A 328 -18.79 10.27 28.18
N LYS A 329 -18.68 9.94 29.48
CA LYS A 329 -19.76 10.25 30.42
C LYS A 329 -19.76 11.72 30.85
N ALA A 330 -18.57 12.34 30.92
CA ALA A 330 -18.46 13.76 31.22
C ALA A 330 -19.22 14.60 30.18
N LEU A 331 -19.11 14.19 28.91
CA LEU A 331 -19.87 14.82 27.82
C LEU A 331 -21.37 14.60 28.00
N GLN A 332 -21.77 13.39 28.38
CA GLN A 332 -23.18 13.09 28.65
C GLN A 332 -23.71 13.92 29.81
N GLU A 333 -22.89 14.09 30.85
CA GLU A 333 -23.28 14.85 32.05
C GLU A 333 -23.53 16.34 31.82
N VAL A 334 -22.96 16.90 30.75
CA VAL A 334 -23.22 18.29 30.35
C VAL A 334 -24.19 18.40 29.14
N GLY A 335 -25.01 17.36 28.92
CA GLY A 335 -26.04 17.38 27.89
C GLY A 335 -25.60 17.04 26.47
N GLY A 336 -24.40 16.48 26.32
CA GLY A 336 -23.91 16.04 25.01
C GLY A 336 -23.38 17.18 24.17
N LEU A 337 -22.97 16.88 22.95
CA LEU A 337 -22.46 17.90 22.03
C LEU A 337 -23.59 18.80 21.50
N LYS A 338 -23.55 20.08 21.90
CA LYS A 338 -24.59 21.06 21.56
C LYS A 338 -24.08 22.29 20.83
N SER A 339 -22.94 22.85 21.27
CA SER A 339 -22.44 24.11 20.70
C SER A 339 -21.91 23.93 19.27
N PRO A 340 -22.09 24.95 18.40
CA PRO A 340 -21.64 24.82 17.02
C PRO A 340 -20.13 24.73 16.90
N TRP A 341 -19.68 24.13 15.80
CA TRP A 341 -18.27 23.95 15.49
C TRP A 341 -17.48 25.27 15.61
N LYS A 342 -17.97 26.29 14.92
CA LYS A 342 -17.35 27.61 14.94
C LYS A 342 -18.35 28.64 15.43
N GLY A 343 -18.47 28.72 16.75
CA GLY A 343 -19.39 29.64 17.41
C GLY A 343 -18.89 31.07 17.37
N GLU A 344 -18.93 31.72 18.53
CA GLU A 344 -18.38 33.06 18.68
C GLU A 344 -17.03 32.95 19.40
N TYR A 345 -16.19 33.96 19.19
CA TYR A 345 -14.90 34.05 19.86
C TYR A 345 -15.12 34.04 21.38
N LYS A 346 -14.32 33.25 22.10
CA LYS A 346 -14.31 33.25 23.58
C LYS A 346 -12.90 33.59 24.03
N GLU A 347 -12.78 34.67 24.80
CA GLU A 347 -11.48 35.17 25.25
C GLU A 347 -10.73 34.10 26.08
N PRO A 348 -9.42 33.92 25.82
CA PRO A 348 -8.58 33.10 26.71
C PRO A 348 -8.46 33.63 28.15
N ARG A 349 -7.60 33.00 28.94
CA ARG A 349 -7.47 33.32 30.37
C ARG A 349 -6.88 34.71 30.65
N PRO B 8 27.11 -23.02 -33.10
CA PRO B 8 28.10 -22.75 -34.16
C PRO B 8 27.66 -21.66 -35.15
N VAL B 9 26.64 -21.97 -35.96
CA VAL B 9 25.92 -20.99 -36.79
C VAL B 9 25.01 -20.10 -35.93
N GLU B 10 24.66 -20.61 -34.75
CA GLU B 10 23.84 -19.90 -33.77
C GLU B 10 24.39 -18.51 -33.38
N GLU B 11 25.73 -18.40 -33.30
CA GLU B 11 26.42 -17.11 -33.14
C GLU B 11 26.12 -16.14 -34.28
N TYR B 12 26.19 -16.64 -35.52
CA TYR B 12 25.98 -15.82 -36.72
C TYR B 12 24.55 -15.31 -36.88
N LEU B 13 23.57 -16.13 -36.48
CA LEU B 13 22.17 -15.74 -36.53
C LEU B 13 21.84 -14.65 -35.51
N VAL B 14 22.48 -14.69 -34.35
CA VAL B 14 22.32 -13.66 -33.32
C VAL B 14 23.02 -12.36 -33.73
N HIS B 15 24.23 -12.46 -34.29
CA HIS B 15 24.95 -11.27 -34.81
C HIS B 15 24.16 -10.55 -35.92
N ALA B 16 23.39 -11.31 -36.69
CA ALA B 16 22.56 -10.75 -37.78
C ALA B 16 21.33 -9.99 -37.29
N LEU B 17 20.87 -10.29 -36.08
CA LEU B 17 19.71 -9.63 -35.45
C LEU B 17 20.09 -8.40 -34.63
N GLN B 18 21.30 -8.41 -34.06
CA GLN B 18 21.79 -7.30 -33.25
C GLN B 18 21.98 -6.02 -34.07
N GLY B 19 21.67 -4.89 -33.45
CA GLY B 19 21.82 -3.59 -34.07
C GLY B 19 20.71 -3.13 -35.00
N SER B 20 19.67 -3.94 -35.17
CA SER B 20 18.51 -3.49 -35.94
C SER B 20 17.21 -4.06 -35.39
N VAL B 21 16.10 -3.40 -35.73
CA VAL B 21 14.75 -3.90 -35.48
C VAL B 21 14.24 -4.47 -36.79
N SER B 22 13.77 -5.72 -36.76
CA SER B 22 13.27 -6.39 -37.96
C SER B 22 11.95 -7.07 -37.70
N SER B 23 11.21 -7.32 -38.77
CA SER B 23 10.01 -8.15 -38.71
C SER B 23 10.46 -9.60 -38.75
N GLY B 24 10.15 -10.36 -37.70
CA GLY B 24 10.57 -11.76 -37.61
C GLY B 24 9.63 -12.67 -36.84
N GLN B 25 10.12 -13.87 -36.56
CA GLN B 25 9.36 -14.88 -35.82
C GLN B 25 9.90 -15.02 -34.40
N ALA B 26 9.11 -15.63 -33.54
CA ALA B 26 9.40 -15.73 -32.11
C ALA B 26 10.76 -16.35 -31.76
N HIS B 27 11.19 -17.35 -32.51
CA HIS B 27 12.52 -17.96 -32.27
C HIS B 27 13.71 -16.99 -32.40
N SER B 28 13.67 -16.09 -33.38
CA SER B 28 14.68 -15.01 -33.51
C SER B 28 14.63 -14.02 -32.33
N LEU B 29 13.41 -13.60 -31.97
CA LEU B 29 13.17 -12.74 -30.82
C LEU B 29 13.79 -13.31 -29.54
N ALA B 30 13.62 -14.62 -29.34
CA ALA B 30 14.20 -15.33 -28.20
C ALA B 30 15.73 -15.33 -28.24
N SER B 31 16.30 -15.61 -29.40
CA SER B 31 17.77 -15.59 -29.59
C SER B 31 18.37 -14.25 -29.19
N LEU B 32 17.74 -13.17 -29.67
CA LEU B 32 18.22 -11.81 -29.45
C LEU B 32 18.09 -11.38 -27.99
N ALA B 33 16.96 -11.73 -27.37
CA ALA B 33 16.66 -11.35 -25.99
C ALA B 33 17.58 -11.97 -24.95
N LYS B 34 18.18 -13.13 -25.23
CA LYS B 34 19.21 -13.72 -24.36
C LYS B 34 20.41 -12.81 -24.16
N THR B 35 20.75 -12.03 -25.21
CA THR B 35 21.85 -11.05 -25.14
C THR B 35 21.51 -9.75 -24.36
N TRP B 36 20.26 -9.60 -23.92
CA TRP B 36 19.84 -8.47 -23.09
C TRP B 36 19.92 -8.73 -21.56
N SER B 37 20.65 -9.76 -21.12
CA SER B 37 21.01 -9.89 -19.69
C SER B 37 21.99 -8.79 -19.25
N ASP B 52 20.48 3.14 -29.04
CA ASP B 52 20.93 1.80 -29.43
C ASP B 52 19.73 0.84 -29.59
N ASN B 53 19.28 0.66 -30.83
CA ASN B 53 17.92 0.22 -31.12
C ASN B 53 17.88 -1.13 -31.84
N GLU B 54 17.41 -2.17 -31.17
CA GLU B 54 17.33 -3.52 -31.75
C GLU B 54 16.14 -4.29 -31.20
N GLY B 55 15.59 -5.20 -32.01
CA GLY B 55 14.48 -6.03 -31.58
C GLY B 55 13.87 -6.87 -32.69
N VAL B 56 12.87 -7.66 -32.33
CA VAL B 56 12.06 -8.39 -33.30
C VAL B 56 10.58 -8.08 -33.07
N LEU B 57 9.87 -7.80 -34.15
CA LEU B 57 8.42 -7.58 -34.11
C LEU B 57 7.72 -8.76 -34.79
N LEU B 58 6.73 -9.33 -34.12
CA LEU B 58 6.10 -10.60 -34.54
C LEU B 58 4.85 -10.46 -35.40
N THR B 59 4.33 -9.24 -35.52
CA THR B 59 3.15 -8.99 -36.35
C THR B 59 3.42 -7.82 -37.30
N GLU B 60 2.84 -7.93 -38.50
CA GLU B 60 2.99 -6.91 -39.54
C GLU B 60 2.26 -5.59 -39.19
N LYS B 61 1.54 -5.56 -38.07
CA LYS B 61 0.90 -4.34 -37.57
C LYS B 61 1.86 -3.40 -36.84
N LEU B 62 3.01 -3.93 -36.40
CA LEU B 62 4.10 -3.13 -35.84
C LEU B 62 5.31 -3.30 -36.76
N LYS B 63 5.55 -2.30 -37.62
CA LYS B 63 6.61 -2.40 -38.64
C LYS B 63 7.77 -1.48 -38.33
N PRO B 64 9.01 -2.00 -38.37
CA PRO B 64 10.15 -1.09 -38.26
C PRO B 64 10.27 -0.23 -39.51
N VAL B 65 10.95 0.91 -39.38
CA VAL B 65 11.23 1.78 -40.52
C VAL B 65 12.74 2.01 -40.57
N ASP B 66 13.34 1.68 -41.71
CA ASP B 66 14.78 1.80 -41.92
C ASP B 66 15.60 1.29 -40.72
N TYR B 67 15.38 0.04 -40.38
CA TYR B 67 16.09 -0.67 -39.31
C TYR B 67 15.78 -0.22 -37.88
N GLU B 68 14.78 0.64 -37.69
CA GLU B 68 14.51 1.27 -36.39
C GLU B 68 13.06 1.16 -35.94
N TYR B 69 12.87 1.22 -34.63
CA TYR B 69 11.55 1.34 -34.01
C TYR B 69 11.72 2.07 -32.69
N ARG B 70 11.56 3.39 -32.72
CA ARG B 70 11.88 4.29 -31.62
C ARG B 70 10.62 4.91 -31.04
N GLU B 71 10.60 5.06 -29.71
CA GLU B 71 9.50 5.71 -28.99
C GLU B 71 9.30 7.19 -29.37
N GLU B 72 8.04 7.53 -29.66
CA GLU B 72 7.60 8.82 -30.18
C GLU B 72 8.09 9.20 -31.59
N VAL B 73 8.81 8.32 -32.28
CA VAL B 73 9.17 8.52 -33.68
C VAL B 73 8.31 7.61 -34.56
N HIS B 74 8.37 6.30 -34.28
CA HIS B 74 7.63 5.28 -35.02
C HIS B 74 6.42 4.71 -34.27
N TRP B 75 6.41 4.83 -32.94
CA TRP B 75 5.23 4.52 -32.15
C TRP B 75 4.96 5.58 -31.07
N MET B 76 3.68 5.89 -30.88
CA MET B 76 3.20 6.97 -30.01
C MET B 76 2.37 6.39 -28.87
N THR B 77 2.65 6.77 -27.63
CA THR B 77 1.74 6.46 -26.52
C THR B 77 0.52 7.38 -26.59
N HIS B 78 -0.56 6.98 -25.92
CA HIS B 78 -1.87 7.63 -26.07
C HIS B 78 -1.88 9.04 -25.47
N GLN B 79 -2.58 9.95 -26.15
CA GLN B 79 -2.78 11.38 -25.79
C GLN B 79 -2.03 11.92 -24.52
N PRO B 80 -2.68 12.05 -23.32
CA PRO B 80 -1.78 12.30 -22.17
C PRO B 80 -1.40 10.96 -21.53
N ARG B 81 -0.09 10.78 -21.30
CA ARG B 81 0.49 9.50 -20.93
C ARG B 81 0.01 9.01 -19.55
N VAL B 82 -1.02 8.16 -19.56
CA VAL B 82 -1.48 7.45 -18.35
C VAL B 82 -0.89 6.02 -18.32
N GLY B 83 -0.19 5.71 -17.22
CA GLY B 83 0.41 4.38 -17.00
C GLY B 83 -0.51 3.38 -16.32
N ARG B 84 -0.17 2.10 -16.48
CA ARG B 84 -0.92 1.00 -15.89
C ARG B 84 0.05 -0.03 -15.34
N GLY B 85 -0.44 -0.95 -14.52
CA GLY B 85 0.39 -1.95 -13.86
C GLY B 85 1.00 -1.43 -12.57
N SER B 86 1.72 -2.29 -11.86
CA SER B 86 2.33 -1.95 -10.56
C SER B 86 3.25 -0.73 -10.59
N PHE B 87 3.99 -0.55 -11.68
CA PHE B 87 4.95 0.54 -11.78
C PHE B 87 4.52 1.64 -12.74
N GLY B 88 3.26 1.61 -13.18
CA GLY B 88 2.78 2.50 -14.24
C GLY B 88 3.57 2.35 -15.53
N GLU B 89 3.99 1.11 -15.81
CA GLU B 89 4.92 0.80 -16.88
C GLU B 89 4.23 0.27 -18.15
N VAL B 90 2.90 0.16 -18.11
CA VAL B 90 2.10 -0.32 -19.24
C VAL B 90 1.23 0.78 -19.83
N HIS B 91 1.24 0.90 -21.17
CA HIS B 91 0.56 2.01 -21.86
C HIS B 91 -0.15 1.56 -23.13
N ARG B 92 -1.26 2.23 -23.46
CA ARG B 92 -1.82 2.18 -24.81
C ARG B 92 -0.81 2.84 -25.75
N MET B 93 -0.74 2.35 -26.98
CA MET B 93 0.15 2.91 -28.00
C MET B 93 -0.37 2.58 -29.38
N LYS B 94 0.03 3.38 -30.37
CA LYS B 94 -0.23 3.06 -31.78
C LYS B 94 1.04 3.18 -32.63
N ASP B 95 1.14 2.31 -33.62
CA ASP B 95 2.15 2.40 -34.66
C ASP B 95 1.73 3.54 -35.57
N LYS B 96 2.63 4.50 -35.79
CA LYS B 96 2.33 5.69 -36.61
C LYS B 96 2.00 5.36 -38.07
N GLN B 97 2.64 4.34 -38.63
CA GLN B 97 2.52 4.00 -40.04
CA GLN B 97 2.53 3.97 -40.04
C GLN B 97 1.23 3.23 -40.32
N THR B 98 0.94 2.24 -39.48
CA THR B 98 -0.20 1.33 -39.68
C THR B 98 -1.48 1.71 -38.94
N GLY B 99 -1.39 2.62 -37.97
CA GLY B 99 -2.53 3.01 -37.14
C GLY B 99 -2.97 1.97 -36.12
N PHE B 100 -2.28 0.84 -36.04
CA PHE B 100 -2.71 -0.29 -35.24
C PHE B 100 -2.42 -0.01 -33.78
N GLN B 101 -3.43 -0.18 -32.94
CA GLN B 101 -3.33 0.10 -31.52
C GLN B 101 -3.04 -1.20 -30.76
N CYS B 102 -2.09 -1.13 -29.83
CA CYS B 102 -1.79 -2.25 -28.96
C CYS B 102 -1.29 -1.74 -27.61
N ALA B 103 -0.56 -2.55 -26.84
CA ALA B 103 -0.09 -2.14 -25.52
C ALA B 103 1.41 -2.39 -25.40
N VAL B 104 2.08 -1.59 -24.57
CA VAL B 104 3.53 -1.65 -24.42
C VAL B 104 3.92 -1.71 -22.94
N LYS B 105 4.75 -2.68 -22.58
CA LYS B 105 5.31 -2.76 -21.24
C LYS B 105 6.76 -2.37 -21.29
N LYS B 106 7.12 -1.31 -20.59
CA LYS B 106 8.51 -0.88 -20.46
C LYS B 106 9.15 -1.58 -19.27
N VAL B 107 10.30 -2.21 -19.52
CA VAL B 107 11.13 -2.81 -18.49
C VAL B 107 12.49 -2.13 -18.55
N ARG B 108 13.07 -1.88 -17.39
CA ARG B 108 14.44 -1.34 -17.34
C ARG B 108 15.37 -2.45 -17.79
N LEU B 109 16.26 -2.12 -18.73
CA LEU B 109 17.19 -3.10 -19.30
C LEU B 109 18.12 -3.73 -18.25
N GLU B 110 18.52 -2.97 -17.23
CA GLU B 110 19.46 -3.48 -16.23
C GLU B 110 18.89 -4.60 -15.34
N VAL B 111 17.55 -4.68 -15.26
CA VAL B 111 16.87 -5.74 -14.50
C VAL B 111 15.93 -6.56 -15.38
N PHE B 112 16.21 -6.59 -16.68
CA PHE B 112 15.44 -7.40 -17.63
C PHE B 112 15.78 -8.87 -17.39
N ARG B 113 14.74 -9.70 -17.32
CA ARG B 113 14.89 -11.14 -17.20
C ARG B 113 14.51 -11.79 -18.52
N VAL B 114 15.49 -12.43 -19.14
CA VAL B 114 15.34 -13.15 -20.41
C VAL B 114 14.11 -14.06 -20.43
N GLU B 115 13.85 -14.69 -19.29
CA GLU B 115 12.74 -15.63 -19.11
C GLU B 115 11.36 -15.03 -19.45
N GLU B 116 11.20 -13.71 -19.37
CA GLU B 116 9.93 -13.06 -19.68
C GLU B 116 9.53 -13.21 -21.15
N LEU B 117 10.51 -13.18 -22.05
CA LEU B 117 10.26 -13.35 -23.48
C LEU B 117 10.40 -14.82 -23.92
N VAL B 118 11.44 -15.51 -23.44
CA VAL B 118 11.62 -16.95 -23.74
C VAL B 118 10.42 -17.80 -23.23
N ALA B 119 9.73 -17.35 -22.18
CA ALA B 119 8.49 -17.97 -21.73
C ALA B 119 7.40 -17.79 -22.78
N CYS B 120 6.97 -16.55 -22.99
CA CYS B 120 5.77 -16.30 -23.80
C CYS B 120 5.99 -16.30 -25.32
N ALA B 121 7.26 -16.27 -25.76
CA ALA B 121 7.57 -16.30 -27.19
C ALA B 121 7.16 -17.65 -27.80
N GLY B 122 6.28 -17.59 -28.79
CA GLY B 122 5.78 -18.80 -29.45
C GLY B 122 4.71 -19.59 -28.70
N LEU B 123 4.10 -18.99 -27.67
CA LEU B 123 2.93 -19.57 -27.00
C LEU B 123 1.67 -19.10 -27.71
N SER B 124 0.67 -19.96 -27.79
CA SER B 124 -0.61 -19.60 -28.41
C SER B 124 -1.77 -20.28 -27.68
N SER B 125 -2.43 -19.52 -26.82
CA SER B 125 -3.55 -19.99 -26.01
C SER B 125 -4.54 -18.83 -25.82
N PRO B 126 -5.86 -19.11 -25.81
CA PRO B 126 -6.82 -18.05 -25.48
C PRO B 126 -6.70 -17.51 -24.04
N ARG B 127 -6.07 -18.27 -23.15
CA ARG B 127 -5.88 -17.89 -21.75
C ARG B 127 -4.55 -17.20 -21.47
N ILE B 128 -3.74 -16.92 -22.50
CA ILE B 128 -2.50 -16.17 -22.30
C ILE B 128 -2.46 -15.02 -23.30
N VAL B 129 -2.21 -13.82 -22.80
CA VAL B 129 -2.13 -12.61 -23.62
C VAL B 129 -0.99 -12.77 -24.63
N PRO B 130 -1.29 -12.54 -25.94
CA PRO B 130 -0.27 -12.79 -26.95
C PRO B 130 0.78 -11.70 -27.03
N LEU B 131 2.04 -12.12 -27.15
CA LEU B 131 3.20 -11.24 -27.34
C LEU B 131 3.24 -10.75 -28.79
N TYR B 132 3.47 -9.46 -29.00
CA TYR B 132 3.58 -8.88 -30.35
C TYR B 132 4.99 -8.49 -30.77
N GLY B 133 5.94 -8.50 -29.83
CA GLY B 133 7.34 -8.19 -30.16
C GLY B 133 8.02 -7.53 -28.98
N ALA B 134 9.29 -7.18 -29.17
CA ALA B 134 10.05 -6.51 -28.14
C ALA B 134 11.22 -5.78 -28.78
N VAL B 135 11.34 -4.48 -28.49
CA VAL B 135 12.40 -3.64 -29.00
C VAL B 135 13.13 -2.98 -27.84
N ARG B 136 14.44 -3.21 -27.77
CA ARG B 136 15.31 -2.52 -26.83
C ARG B 136 15.66 -1.16 -27.42
N GLU B 137 15.54 -0.10 -26.62
CA GLU B 137 15.92 1.26 -27.01
C GLU B 137 16.58 1.97 -25.84
N GLY B 138 17.90 2.06 -25.90
CA GLY B 138 18.67 2.70 -24.84
C GLY B 138 18.59 1.85 -23.58
N PRO B 139 18.19 2.46 -22.45
CA PRO B 139 18.05 1.74 -21.19
C PRO B 139 16.71 1.01 -20.98
N TRP B 140 15.87 0.92 -22.02
CA TRP B 140 14.54 0.30 -21.92
C TRP B 140 14.41 -0.92 -22.81
N VAL B 141 13.63 -1.90 -22.34
CA VAL B 141 13.11 -2.97 -23.21
C VAL B 141 11.61 -2.75 -23.29
N ASN B 142 11.11 -2.44 -24.49
CA ASN B 142 9.68 -2.22 -24.71
C ASN B 142 9.06 -3.50 -25.25
N ILE B 143 8.22 -4.15 -24.45
CA ILE B 143 7.56 -5.38 -24.84
C ILE B 143 6.16 -5.04 -25.30
N PHE B 144 5.84 -5.38 -26.55
CA PHE B 144 4.53 -5.06 -27.14
C PHE B 144 3.63 -6.28 -27.05
N MET B 145 2.32 -6.04 -26.83
CA MET B 145 1.33 -7.11 -26.67
C MET B 145 -0.08 -6.62 -27.03
N GLU B 146 -1.01 -7.56 -27.07
CA GLU B 146 -2.41 -7.24 -27.35
C GLU B 146 -2.98 -6.32 -26.28
N LEU B 147 -3.84 -5.42 -26.71
CA LEU B 147 -4.57 -4.52 -25.84
C LEU B 147 -5.89 -5.19 -25.50
N LEU B 148 -6.05 -5.58 -24.24
CA LEU B 148 -7.32 -6.12 -23.73
C LEU B 148 -8.11 -5.00 -23.04
N GLU B 149 -9.26 -4.67 -23.63
CA GLU B 149 -10.00 -3.45 -23.29
C GLU B 149 -10.80 -3.51 -21.98
N GLY B 150 -11.19 -4.71 -21.54
CA GLY B 150 -11.89 -4.88 -20.26
C GLY B 150 -11.11 -4.62 -18.98
N GLY B 151 -9.80 -4.44 -19.08
CA GLY B 151 -8.95 -4.10 -17.93
C GLY B 151 -8.55 -5.33 -17.13
N SER B 152 -7.79 -5.14 -16.05
CA SER B 152 -7.37 -6.25 -15.22
C SER B 152 -8.49 -6.70 -14.28
N LEU B 153 -8.32 -7.90 -13.74
CA LEU B 153 -9.20 -8.47 -12.73
C LEU B 153 -9.05 -7.75 -11.38
N GLY B 154 -7.88 -7.16 -11.12
CA GLY B 154 -7.67 -6.33 -9.95
C GLY B 154 -8.52 -5.06 -9.96
N GLN B 155 -8.58 -4.42 -11.13
CA GLN B 155 -9.43 -3.25 -11.37
C GLN B 155 -10.91 -3.59 -11.19
N LEU B 156 -11.31 -4.80 -11.56
CA LEU B 156 -12.69 -5.28 -11.36
C LEU B 156 -13.05 -5.46 -9.88
N ILE B 157 -12.11 -5.98 -9.09
CA ILE B 157 -12.32 -6.19 -7.66
C ILE B 157 -12.46 -4.84 -6.94
N LYS B 158 -11.60 -3.87 -7.28
CA LYS B 158 -11.72 -2.51 -6.72
C LYS B 158 -13.05 -1.86 -7.09
N GLN B 159 -13.37 -1.88 -8.38
CA GLN B 159 -14.60 -1.28 -8.92
C GLN B 159 -15.87 -1.89 -8.34
N MET B 160 -15.91 -3.23 -8.26
CA MET B 160 -17.10 -3.93 -7.73
C MET B 160 -17.07 -4.14 -6.19
N GLY B 161 -15.92 -3.94 -5.55
CA GLY B 161 -15.77 -4.13 -4.10
C GLY B 161 -15.29 -5.54 -3.82
N CYS B 162 -16.11 -6.53 -4.17
CA CYS B 162 -15.70 -7.93 -4.27
C CYS B 162 -16.69 -8.71 -5.15
N LEU B 163 -16.19 -9.76 -5.81
CA LEU B 163 -16.96 -10.49 -6.82
C LEU B 163 -17.87 -11.57 -6.23
N PRO B 164 -19.00 -11.85 -6.91
CA PRO B 164 -19.83 -12.99 -6.50
C PRO B 164 -19.16 -14.34 -6.80
N GLU B 165 -19.62 -15.37 -6.10
CA GLU B 165 -19.04 -16.72 -6.10
C GLU B 165 -18.95 -17.35 -7.50
N ASP B 166 -20.05 -17.32 -8.25
CA ASP B 166 -20.07 -17.89 -9.61
C ASP B 166 -19.07 -17.22 -10.56
N ARG B 167 -18.97 -15.89 -10.48
CA ARG B 167 -18.02 -15.13 -11.29
C ARG B 167 -16.57 -15.35 -10.80
N ALA B 168 -16.38 -15.51 -9.50
CA ALA B 168 -15.06 -15.79 -8.94
C ALA B 168 -14.52 -17.16 -9.37
N LEU B 169 -15.38 -18.18 -9.32
CA LEU B 169 -15.04 -19.53 -9.78
C LEU B 169 -14.75 -19.55 -11.28
N TYR B 170 -15.62 -18.88 -12.04
CA TYR B 170 -15.50 -18.77 -13.49
C TYR B 170 -14.15 -18.22 -13.95
N TYR B 171 -13.64 -17.19 -13.26
CA TYR B 171 -12.33 -16.62 -13.58
C TYR B 171 -11.17 -17.47 -13.07
N LEU B 172 -11.28 -18.01 -11.87
CA LEU B 172 -10.25 -18.95 -11.35
C LEU B 172 -10.09 -20.15 -12.30
N GLY B 173 -11.23 -20.65 -12.78
CA GLY B 173 -11.25 -21.69 -13.80
C GLY B 173 -10.46 -21.35 -15.02
N GLN B 174 -10.64 -20.11 -15.53
CA GLN B 174 -9.92 -19.66 -16.72
C GLN B 174 -8.43 -19.43 -16.46
N ALA B 175 -8.09 -18.84 -15.31
CA ALA B 175 -6.68 -18.71 -14.92
C ALA B 175 -5.99 -20.08 -14.84
N LEU B 176 -6.66 -21.06 -14.23
CA LEU B 176 -6.14 -22.44 -14.12
C LEU B 176 -5.97 -23.13 -15.48
N GLU B 177 -6.83 -22.79 -16.43
CA GLU B 177 -6.70 -23.26 -17.81
C GLU B 177 -5.44 -22.71 -18.50
N GLY B 178 -5.09 -21.46 -18.20
CA GLY B 178 -3.83 -20.87 -18.64
C GLY B 178 -2.62 -21.48 -17.93
N LEU B 179 -2.74 -21.72 -16.62
CA LEU B 179 -1.66 -22.37 -15.85
C LEU B 179 -1.40 -23.81 -16.30
N GLU B 180 -2.48 -24.50 -16.64
CA GLU B 180 -2.40 -25.84 -17.20
C GLU B 180 -1.52 -25.87 -18.45
N TYR B 181 -1.78 -24.93 -19.36
CA TYR B 181 -1.02 -24.74 -20.60
C TYR B 181 0.46 -24.40 -20.35
N LEU B 182 0.72 -23.50 -19.42
CA LEU B 182 2.09 -23.16 -19.03
C LEU B 182 2.81 -24.30 -18.33
N HIS B 183 2.12 -25.01 -17.45
CA HIS B 183 2.76 -26.04 -16.62
C HIS B 183 3.16 -27.27 -17.40
N THR B 184 2.34 -27.68 -18.37
CA THR B 184 2.72 -28.78 -19.27
C THR B 184 3.97 -28.46 -20.11
N ARG B 185 4.15 -27.17 -20.45
CA ARG B 185 5.39 -26.67 -21.08
C ARG B 185 6.54 -26.34 -20.10
N ARG B 186 6.40 -26.73 -18.83
CA ARG B 186 7.40 -26.49 -17.78
C ARG B 186 7.66 -25.00 -17.49
N ILE B 187 6.64 -24.16 -17.69
CA ILE B 187 6.77 -22.74 -17.41
C ILE B 187 5.94 -22.40 -16.19
N LEU B 188 6.62 -21.97 -15.14
CA LEU B 188 6.00 -21.40 -13.94
C LEU B 188 5.70 -19.90 -14.20
N HIS B 189 4.48 -19.45 -13.94
CA HIS B 189 4.17 -18.01 -14.08
C HIS B 189 4.92 -17.19 -13.03
N GLY B 190 4.86 -17.62 -11.77
CA GLY B 190 5.66 -17.02 -10.70
C GLY B 190 5.06 -15.86 -9.92
N ASP B 191 3.94 -15.32 -10.39
CA ASP B 191 3.28 -14.17 -9.73
C ASP B 191 1.81 -14.08 -10.17
N VAL B 192 1.07 -15.14 -9.85
CA VAL B 192 -0.32 -15.25 -10.27
C VAL B 192 -1.19 -14.45 -9.31
N LYS B 193 -1.89 -13.46 -9.84
CA LYS B 193 -2.76 -12.59 -9.04
C LYS B 193 -3.70 -11.78 -9.92
N ALA B 194 -4.73 -11.19 -9.31
CA ALA B 194 -5.77 -10.47 -10.04
C ALA B 194 -5.21 -9.38 -10.97
N ASP B 195 -4.19 -8.65 -10.51
CA ASP B 195 -3.56 -7.61 -11.33
C ASP B 195 -2.99 -8.16 -12.65
N ASN B 196 -2.52 -9.41 -12.63
CA ASN B 196 -1.97 -10.07 -13.81
C ASN B 196 -2.96 -10.97 -14.56
N VAL B 197 -4.26 -10.73 -14.42
CA VAL B 197 -5.27 -11.38 -15.25
C VAL B 197 -6.06 -10.29 -15.97
N LEU B 198 -6.16 -10.39 -17.29
CA LEU B 198 -6.78 -9.34 -18.12
C LEU B 198 -8.05 -9.83 -18.81
N LEU B 199 -9.07 -8.98 -18.82
CA LEU B 199 -10.40 -9.33 -19.30
C LEU B 199 -10.74 -8.70 -20.65
N SER B 200 -11.48 -9.43 -21.48
CA SER B 200 -11.99 -8.91 -22.75
C SER B 200 -13.07 -7.85 -22.49
N SER B 201 -13.42 -7.11 -23.54
CA SER B 201 -14.30 -5.94 -23.43
C SER B 201 -15.68 -6.23 -22.84
N ASP B 202 -16.22 -7.43 -23.06
CA ASP B 202 -17.46 -7.86 -22.39
C ASP B 202 -17.27 -8.63 -21.07
N GLY B 203 -16.03 -8.84 -20.66
CA GLY B 203 -15.71 -9.54 -19.40
C GLY B 203 -15.77 -11.06 -19.42
N SER B 204 -16.08 -11.67 -20.57
CA SER B 204 -16.31 -13.11 -20.64
C SER B 204 -15.05 -13.96 -20.76
N ARG B 205 -13.94 -13.35 -21.21
CA ARG B 205 -12.69 -14.08 -21.45
C ARG B 205 -11.56 -13.48 -20.62
N ALA B 206 -10.88 -14.34 -19.86
CA ALA B 206 -9.78 -13.96 -18.97
C ALA B 206 -8.49 -14.52 -19.51
N ALA B 207 -7.40 -13.74 -19.41
CA ALA B 207 -6.08 -14.19 -19.89
C ALA B 207 -4.96 -13.75 -18.98
N LEU B 208 -3.96 -14.62 -18.82
CA LEU B 208 -2.79 -14.32 -18.00
C LEU B 208 -1.81 -13.39 -18.71
N CYS B 209 -1.28 -12.44 -17.95
CA CYS B 209 -0.23 -11.54 -18.43
C CYS B 209 0.87 -11.42 -17.37
N ASP B 210 1.89 -10.64 -17.71
CA ASP B 210 3.07 -10.37 -16.89
C ASP B 210 3.91 -11.63 -16.59
N PHE B 211 4.86 -11.91 -17.47
CA PHE B 211 5.76 -13.05 -17.32
C PHE B 211 7.12 -12.64 -16.73
N GLY B 212 7.21 -11.48 -16.10
CA GLY B 212 8.46 -10.98 -15.56
C GLY B 212 9.08 -11.81 -14.45
N HIS B 213 8.25 -12.57 -13.73
CA HIS B 213 8.71 -13.48 -12.68
C HIS B 213 8.74 -14.92 -13.15
N ALA B 214 8.58 -15.15 -14.45
CA ALA B 214 8.44 -16.50 -14.99
C ALA B 214 9.76 -17.24 -14.89
N LEU B 215 9.67 -18.57 -14.97
CA LEU B 215 10.80 -19.43 -14.70
C LEU B 215 10.62 -20.77 -15.43
N CYS B 216 11.73 -21.29 -15.97
CA CYS B 216 11.73 -22.59 -16.63
C CYS B 216 12.06 -23.68 -15.64
N LEU B 217 11.13 -24.62 -15.48
CA LEU B 217 11.34 -25.82 -14.69
C LEU B 217 12.13 -26.81 -15.54
N GLN B 218 12.72 -27.83 -14.90
CA GLN B 218 13.59 -28.80 -15.60
C GLN B 218 12.88 -29.55 -16.76
N PRO B 219 13.63 -30.32 -17.57
CA PRO B 219 12.99 -31.27 -18.50
C PRO B 219 11.96 -32.23 -17.86
N ASP B 220 12.17 -32.58 -16.59
CA ASP B 220 11.23 -33.43 -15.82
C ASP B 220 10.32 -32.68 -14.81
N GLY B 221 10.21 -31.35 -14.94
CA GLY B 221 9.35 -30.52 -14.07
C GLY B 221 9.63 -30.52 -12.57
N LEU B 222 10.85 -30.90 -12.19
CA LEU B 222 11.21 -31.16 -10.78
C LEU B 222 11.40 -29.85 -9.99
N GLY B 223 11.33 -29.96 -8.66
CA GLY B 223 11.42 -28.79 -7.77
C GLY B 223 12.84 -28.28 -7.56
N LYS B 224 13.08 -27.02 -7.92
CA LYS B 224 14.36 -26.33 -7.69
C LYS B 224 14.11 -25.02 -6.93
N SER B 225 14.90 -24.76 -5.88
CA SER B 225 14.72 -23.55 -5.06
C SER B 225 15.02 -22.27 -5.86
N LEU B 226 14.31 -21.20 -5.51
CA LEU B 226 14.24 -19.99 -6.33
C LEU B 226 15.25 -18.90 -5.94
N LEU B 227 15.77 -18.96 -4.72
CA LEU B 227 16.50 -17.84 -4.13
C LEU B 227 17.98 -17.79 -4.56
N THR B 228 18.20 -17.36 -5.81
CA THR B 228 19.54 -17.23 -6.42
C THR B 228 19.52 -16.43 -7.72
N GLY B 229 20.57 -15.64 -7.94
CA GLY B 229 20.86 -15.03 -9.25
C GLY B 229 19.96 -13.87 -9.65
N ASP B 230 19.35 -13.97 -10.84
CA ASP B 230 18.49 -12.92 -11.39
C ASP B 230 17.02 -12.91 -10.87
N TYR B 231 16.70 -13.75 -9.89
CA TYR B 231 15.30 -14.01 -9.48
C TYR B 231 14.66 -12.85 -8.70
N ILE B 232 13.50 -12.42 -9.19
CA ILE B 232 12.66 -11.42 -8.53
C ILE B 232 11.43 -12.15 -7.97
N PRO B 233 11.14 -11.97 -6.66
CA PRO B 233 9.99 -12.64 -6.07
C PRO B 233 8.65 -12.05 -6.47
N GLY B 234 7.59 -12.84 -6.32
CA GLY B 234 6.24 -12.41 -6.62
C GLY B 234 5.62 -11.72 -5.43
N THR B 235 4.33 -11.42 -5.55
CA THR B 235 3.57 -10.70 -4.54
C THR B 235 3.61 -11.47 -3.22
N GLU B 236 4.02 -10.80 -2.16
CA GLU B 236 4.25 -11.43 -0.86
C GLU B 236 2.98 -12.11 -0.32
N THR B 237 1.85 -11.43 -0.41
CA THR B 237 0.57 -11.97 0.09
C THR B 237 0.12 -13.28 -0.58
N HIS B 238 0.60 -13.52 -1.80
CA HIS B 238 0.26 -14.73 -2.55
C HIS B 238 1.40 -15.76 -2.60
N MET B 239 2.43 -15.61 -1.77
CA MET B 239 3.55 -16.57 -1.75
C MET B 239 3.20 -17.88 -1.03
N ALA B 240 3.51 -19.01 -1.67
CA ALA B 240 3.38 -20.33 -1.03
C ALA B 240 4.44 -20.52 0.05
N PRO B 241 4.21 -21.40 1.04
CA PRO B 241 5.17 -21.64 2.12
C PRO B 241 6.58 -22.07 1.66
N GLU B 242 6.64 -22.89 0.62
CA GLU B 242 7.91 -23.38 0.10
C GLU B 242 8.76 -22.27 -0.52
N VAL B 243 8.12 -21.23 -1.07
CA VAL B 243 8.82 -20.05 -1.57
C VAL B 243 9.48 -19.31 -0.39
N VAL B 244 8.67 -18.94 0.61
CA VAL B 244 9.16 -18.10 1.72
C VAL B 244 10.21 -18.78 2.58
N MET B 245 10.11 -20.10 2.73
CA MET B 245 11.07 -20.92 3.48
C MET B 245 12.33 -21.30 2.68
N GLY B 246 12.39 -20.97 1.40
CA GLY B 246 13.51 -21.35 0.56
C GLY B 246 13.64 -22.85 0.31
N LYS B 247 12.52 -23.57 0.32
CA LYS B 247 12.46 -24.98 -0.08
C LYS B 247 12.25 -25.06 -1.59
N PRO B 248 12.36 -26.27 -2.19
CA PRO B 248 12.26 -26.34 -3.66
C PRO B 248 10.84 -26.06 -4.18
N CYS B 249 10.75 -25.42 -5.34
CA CYS B 249 9.50 -24.86 -5.84
C CYS B 249 9.18 -25.40 -7.24
N ASP B 250 7.97 -25.92 -7.43
CA ASP B 250 7.54 -26.45 -8.71
C ASP B 250 6.26 -25.73 -9.13
N ALA B 251 5.52 -26.25 -10.09
CA ALA B 251 4.28 -25.60 -10.58
C ALA B 251 3.22 -25.34 -9.50
N LYS B 252 3.25 -26.11 -8.42
CA LYS B 252 2.29 -25.97 -7.32
C LYS B 252 2.31 -24.58 -6.67
N VAL B 253 3.46 -23.90 -6.74
CA VAL B 253 3.59 -22.51 -6.32
C VAL B 253 2.54 -21.58 -6.95
N ASP B 254 2.28 -21.72 -8.25
CA ASP B 254 1.22 -20.95 -8.92
C ASP B 254 -0.17 -21.31 -8.42
N ILE B 255 -0.38 -22.56 -8.05
CA ILE B 255 -1.71 -23.02 -7.61
C ILE B 255 -2.10 -22.33 -6.31
N TRP B 256 -1.16 -22.27 -5.36
CA TRP B 256 -1.32 -21.52 -4.11
C TRP B 256 -1.70 -20.07 -4.34
N SER B 257 -0.95 -19.41 -5.21
CA SER B 257 -1.18 -18.02 -5.58
C SER B 257 -2.55 -17.84 -6.23
N SER B 258 -2.91 -18.76 -7.12
CA SER B 258 -4.22 -18.70 -7.77
C SER B 258 -5.36 -18.75 -6.73
N CYS B 259 -5.20 -19.54 -5.66
CA CYS B 259 -6.21 -19.64 -4.62
C CYS B 259 -6.18 -18.46 -3.64
N CYS B 260 -5.01 -17.85 -3.44
CA CYS B 260 -4.95 -16.54 -2.76
C CYS B 260 -5.71 -15.47 -3.54
N MET B 261 -5.55 -15.46 -4.86
CA MET B 261 -6.33 -14.60 -5.75
C MET B 261 -7.85 -14.86 -5.62
N MET B 262 -8.23 -16.13 -5.44
CA MET B 262 -9.64 -16.50 -5.21
C MET B 262 -10.19 -15.89 -3.94
N LEU B 263 -9.39 -15.90 -2.88
CA LEU B 263 -9.73 -15.21 -1.62
C LEU B 263 -9.83 -13.69 -1.84
N HIS B 264 -8.96 -13.15 -2.68
CA HIS B 264 -9.00 -11.74 -3.05
C HIS B 264 -10.28 -11.40 -3.83
N MET B 265 -10.70 -12.27 -4.74
CA MET B 265 -11.96 -12.04 -5.47
C MET B 265 -13.18 -12.07 -4.54
N LEU B 266 -13.19 -13.02 -3.61
CA LEU B 266 -14.36 -13.24 -2.73
C LEU B 266 -14.46 -12.20 -1.60
N ASN B 267 -13.34 -11.96 -0.91
CA ASN B 267 -13.28 -11.04 0.23
C ASN B 267 -13.01 -9.58 -0.15
N GLY B 268 -12.43 -9.35 -1.33
CA GLY B 268 -12.08 -8.01 -1.77
C GLY B 268 -10.87 -7.43 -1.05
N CYS B 269 -9.99 -8.31 -0.58
CA CYS B 269 -8.71 -7.91 -0.01
C CYS B 269 -7.81 -9.13 0.04
N HIS B 270 -6.50 -8.90 0.03
CA HIS B 270 -5.51 -9.97 -0.02
C HIS B 270 -5.59 -10.80 1.27
N PRO B 271 -5.14 -12.07 1.21
CA PRO B 271 -4.95 -12.86 2.42
C PRO B 271 -3.93 -12.23 3.35
N TRP B 272 -4.01 -12.57 4.64
CA TRP B 272 -3.05 -12.15 5.68
C TRP B 272 -3.13 -10.69 6.16
N THR B 273 -3.62 -9.77 5.33
CA THR B 273 -3.55 -8.32 5.62
C THR B 273 -4.43 -7.92 6.80
N GLN B 274 -5.65 -8.44 6.83
CA GLN B 274 -6.62 -8.12 7.89
C GLN B 274 -6.23 -8.69 9.27
N TYR B 275 -5.47 -9.78 9.30
CA TYR B 275 -5.09 -10.45 10.56
C TYR B 275 -3.66 -10.18 11.04
N PHE B 276 -2.75 -9.79 10.14
CA PHE B 276 -1.34 -9.57 10.49
C PHE B 276 -0.80 -8.28 9.86
N ARG B 277 0.03 -7.56 10.62
CA ARG B 277 0.59 -6.27 10.19
C ARG B 277 2.07 -6.38 9.77
N GLY B 278 2.90 -6.87 10.70
CA GLY B 278 4.35 -7.04 10.48
C GLY B 278 4.68 -8.08 9.41
N PRO B 279 5.99 -8.26 9.07
CA PRO B 279 6.46 -9.06 7.91
C PRO B 279 5.69 -10.36 7.64
N LEU B 280 4.91 -10.37 6.56
CA LEU B 280 3.96 -11.48 6.27
C LEU B 280 4.60 -12.84 5.96
N CYS B 281 5.79 -12.84 5.37
CA CYS B 281 6.43 -14.09 4.94
C CYS B 281 6.78 -15.05 6.09
N LEU B 282 7.02 -14.52 7.29
CA LEU B 282 7.20 -15.36 8.49
C LEU B 282 5.90 -16.01 8.95
N LYS B 283 4.78 -15.29 8.81
CA LYS B 283 3.46 -15.81 9.20
C LYS B 283 3.02 -16.93 8.26
N ILE B 284 3.18 -16.70 6.95
CA ILE B 284 2.89 -17.72 5.93
C ILE B 284 3.60 -19.05 6.24
N ALA B 285 4.86 -18.97 6.66
CA ALA B 285 5.66 -20.15 7.01
C ALA B 285 5.16 -20.89 8.25
N SER B 286 4.91 -20.16 9.33
CA SER B 286 4.62 -20.74 10.64
C SER B 286 3.13 -21.04 10.91
N GLU B 287 2.25 -20.17 10.43
CA GLU B 287 0.81 -20.28 10.68
C GLU B 287 0.14 -21.21 9.68
N PRO B 288 -1.07 -21.73 10.00
CA PRO B 288 -1.74 -22.60 9.04
C PRO B 288 -2.26 -21.83 7.83
N PRO B 289 -2.53 -22.52 6.71
CA PRO B 289 -2.93 -21.81 5.50
C PRO B 289 -4.24 -21.03 5.69
N PRO B 290 -4.44 -19.93 4.95
CA PRO B 290 -5.58 -19.02 5.21
C PRO B 290 -6.96 -19.55 4.75
N ILE B 291 -7.25 -20.82 5.04
CA ILE B 291 -8.55 -21.42 4.71
C ILE B 291 -9.68 -20.80 5.52
N ARG B 292 -9.39 -20.36 6.75
CA ARG B 292 -10.36 -19.60 7.57
C ARG B 292 -10.91 -18.33 6.91
N GLU B 293 -10.18 -17.77 5.94
CA GLU B 293 -10.60 -16.59 5.18
C GLU B 293 -11.65 -16.90 4.09
N ILE B 294 -11.95 -18.18 3.87
CA ILE B 294 -13.06 -18.60 3.02
C ILE B 294 -14.37 -18.16 3.68
N PRO B 295 -15.23 -17.41 2.96
CA PRO B 295 -16.54 -17.06 3.52
C PRO B 295 -17.42 -18.30 3.76
N PRO B 296 -18.24 -18.29 4.82
CA PRO B 296 -19.18 -19.41 4.97
C PRO B 296 -20.34 -19.35 3.95
N SER B 297 -20.57 -18.17 3.37
CA SER B 297 -21.49 -18.01 2.22
C SER B 297 -21.27 -19.06 1.13
N CYS B 298 -20.01 -19.31 0.78
CA CYS B 298 -19.63 -20.21 -0.31
C CYS B 298 -20.08 -21.63 -0.09
N ALA B 299 -20.35 -22.32 -1.19
CA ALA B 299 -20.78 -23.72 -1.17
C ALA B 299 -19.70 -24.62 -0.56
N PRO B 300 -20.05 -25.86 -0.16
CA PRO B 300 -19.02 -26.77 0.33
C PRO B 300 -17.96 -27.12 -0.73
N LEU B 301 -18.38 -27.35 -1.98
CA LEU B 301 -17.44 -27.72 -3.05
C LEU B 301 -16.46 -26.59 -3.39
N THR B 302 -16.92 -25.35 -3.32
CA THR B 302 -16.06 -24.17 -3.50
C THR B 302 -14.98 -24.09 -2.41
N ALA B 303 -15.39 -24.31 -1.15
CA ALA B 303 -14.46 -24.30 0.00
C ALA B 303 -13.46 -25.45 -0.06
N GLN B 304 -13.92 -26.63 -0.49
CA GLN B 304 -13.06 -27.79 -0.68
C GLN B 304 -12.03 -27.56 -1.78
N ALA B 305 -12.44 -26.87 -2.85
CA ALA B 305 -11.52 -26.50 -3.93
C ALA B 305 -10.40 -25.59 -3.43
N ILE B 306 -10.77 -24.56 -2.68
CA ILE B 306 -9.80 -23.61 -2.14
C ILE B 306 -8.88 -24.27 -1.11
N GLN B 307 -9.42 -25.19 -0.32
CA GLN B 307 -8.63 -25.91 0.69
C GLN B 307 -7.53 -26.73 0.05
N GLU B 308 -7.86 -27.44 -1.03
CA GLU B 308 -6.90 -28.30 -1.72
C GLU B 308 -5.88 -27.50 -2.53
N GLY B 309 -6.26 -26.31 -2.97
CA GLY B 309 -5.32 -25.38 -3.59
C GLY B 309 -4.37 -24.70 -2.59
N LEU B 310 -4.74 -24.66 -1.31
CA LEU B 310 -3.92 -24.03 -0.26
C LEU B 310 -3.29 -25.02 0.74
N ARG B 311 -2.96 -26.22 0.27
CA ARG B 311 -2.23 -27.18 1.12
C ARG B 311 -0.79 -26.74 1.24
N LYS B 312 -0.22 -26.90 2.44
CA LYS B 312 1.13 -26.40 2.71
C LYS B 312 2.22 -27.22 2.03
N GLU B 313 2.09 -28.55 2.05
CA GLU B 313 3.00 -29.42 1.30
C GLU B 313 2.60 -29.51 -0.18
N PRO B 314 3.50 -29.12 -1.11
CA PRO B 314 3.21 -29.17 -2.55
C PRO B 314 2.58 -30.47 -3.06
N VAL B 315 3.08 -31.62 -2.59
CA VAL B 315 2.55 -32.93 -3.03
C VAL B 315 1.07 -33.14 -2.75
N HIS B 316 0.54 -32.57 -1.66
CA HIS B 316 -0.89 -32.69 -1.36
C HIS B 316 -1.73 -31.64 -2.08
N ARG B 317 -1.09 -30.56 -2.48
CA ARG B 317 -1.73 -29.47 -3.22
C ARG B 317 -2.08 -29.90 -4.64
N ALA B 318 -3.30 -29.59 -5.07
CA ALA B 318 -3.79 -29.91 -6.41
C ALA B 318 -2.90 -29.30 -7.50
N SER B 319 -2.80 -29.99 -8.63
CA SER B 319 -2.21 -29.45 -9.85
C SER B 319 -3.23 -28.55 -10.52
N ALA B 320 -2.82 -27.85 -11.58
CA ALA B 320 -3.75 -27.00 -12.33
C ALA B 320 -4.93 -27.79 -12.88
N MET B 321 -4.62 -28.86 -13.61
CA MET B 321 -5.63 -29.77 -14.18
C MET B 321 -6.59 -30.31 -13.13
N GLU B 322 -6.03 -30.69 -11.98
CA GLU B 322 -6.80 -31.22 -10.86
C GLU B 322 -7.80 -30.19 -10.32
N LEU B 323 -7.29 -29.01 -10.00
CA LEU B 323 -8.10 -27.94 -9.40
C LEU B 323 -9.12 -27.35 -10.36
N ARG B 324 -8.76 -27.22 -11.65
CA ARG B 324 -9.69 -26.71 -12.67
C ARG B 324 -10.93 -27.61 -12.81
N ARG B 325 -10.71 -28.91 -12.68
CA ARG B 325 -11.80 -29.89 -12.74
C ARG B 325 -12.75 -29.73 -11.54
N LYS B 326 -12.18 -29.47 -10.36
CA LYS B 326 -12.96 -29.20 -9.14
C LYS B 326 -13.68 -27.86 -9.19
N VAL B 327 -12.99 -26.84 -9.70
CA VAL B 327 -13.59 -25.49 -9.89
C VAL B 327 -14.76 -25.53 -10.89
N GLY B 328 -14.64 -26.35 -11.94
CA GLY B 328 -15.72 -26.55 -12.90
C GLY B 328 -16.98 -27.17 -12.31
N LYS B 329 -16.81 -28.13 -11.42
CA LYS B 329 -17.93 -28.76 -10.71
C LYS B 329 -18.52 -27.82 -9.65
N ALA B 330 -17.66 -27.05 -8.98
CA ALA B 330 -18.11 -26.05 -8.00
C ALA B 330 -19.03 -25.01 -8.64
N LEU B 331 -18.61 -24.50 -9.80
CA LEU B 331 -19.42 -23.55 -10.58
C LEU B 331 -20.75 -24.15 -10.99
N GLN B 332 -20.74 -25.40 -11.45
CA GLN B 332 -21.97 -26.09 -11.85
C GLN B 332 -22.93 -26.32 -10.67
N GLU B 333 -22.38 -26.57 -9.48
CA GLU B 333 -23.18 -26.78 -8.26
C GLU B 333 -23.97 -25.52 -7.83
N VAL B 334 -23.47 -24.32 -8.14
CA VAL B 334 -24.20 -23.06 -7.89
C VAL B 334 -24.99 -22.56 -9.12
N GLY B 335 -25.16 -23.40 -10.14
CA GLY B 335 -25.96 -23.07 -11.32
C GLY B 335 -25.27 -22.30 -12.44
N GLY B 336 -23.94 -22.36 -12.47
CA GLY B 336 -23.17 -21.74 -13.55
C GLY B 336 -23.04 -20.22 -13.42
N LEU B 337 -22.39 -19.62 -14.42
CA LEU B 337 -22.24 -18.16 -14.49
C LEU B 337 -23.60 -17.50 -14.83
N LYS B 338 -24.27 -17.07 -13.76
CA LYS B 338 -25.56 -16.35 -13.83
C LYS B 338 -25.39 -14.81 -13.68
N SER B 339 -24.45 -14.40 -12.82
CA SER B 339 -24.29 -12.97 -12.46
C SER B 339 -23.87 -12.09 -13.65
N PRO B 340 -24.33 -10.82 -13.67
CA PRO B 340 -23.85 -9.87 -14.69
C PRO B 340 -22.40 -9.42 -14.43
N TRP B 341 -21.71 -9.02 -15.50
CA TRP B 341 -20.27 -8.69 -15.44
C TRP B 341 -19.95 -7.57 -14.43
N LYS B 342 -20.72 -6.49 -14.50
CA LYS B 342 -20.63 -5.38 -13.55
C LYS B 342 -22.03 -5.09 -13.04
N GLY B 343 -22.44 -5.83 -12.02
CA GLY B 343 -23.80 -5.75 -11.46
C GLY B 343 -23.98 -4.54 -10.56
N GLU B 344 -23.95 -4.78 -9.26
CA GLU B 344 -23.95 -3.71 -8.25
C GLU B 344 -22.84 -3.97 -7.23
N TYR B 345 -22.53 -2.94 -6.45
CA TYR B 345 -21.42 -2.99 -5.49
C TYR B 345 -21.72 -3.96 -4.35
N LYS B 346 -20.69 -4.71 -3.94
CA LYS B 346 -20.77 -5.70 -2.87
C LYS B 346 -19.67 -5.35 -1.85
N GLU B 347 -20.04 -5.14 -0.59
CA GLU B 347 -19.07 -4.67 0.43
C GLU B 347 -18.05 -5.76 0.77
N PRO B 348 -16.75 -5.39 0.89
CA PRO B 348 -15.74 -6.31 1.41
C PRO B 348 -16.02 -6.80 2.84
N ARG B 349 -15.20 -7.75 3.29
CA ARG B 349 -15.45 -8.48 4.54
C ARG B 349 -15.28 -7.60 5.79
S SO4 C . 0.50 11.50 42.02
O1 SO4 C . 0.06 12.60 41.12
O2 SO4 C . -0.44 11.45 43.17
O3 SO4 C . 0.51 10.21 41.31
O4 SO4 C . 1.87 11.79 42.51
S SO4 D . -16.56 0.26 25.96
O1 SO4 D . -17.70 -0.67 25.89
O2 SO4 D . -16.42 0.94 24.64
O3 SO4 D . -16.79 1.27 27.02
O4 SO4 D . -15.32 -0.49 26.27
C4 ELZ E . 2.22 11.39 7.59
C14 ELZ E . -1.09 20.20 10.44
C5 ELZ E . 1.92 11.89 8.99
C11 ELZ E . 1.61 18.00 10.54
C7 ELZ E . 1.74 13.35 9.05
C8 ELZ E . 1.57 14.53 9.26
C9 ELZ E . 1.20 15.89 9.50
C10 ELZ E . 1.97 16.69 10.31
C12 ELZ E . 0.48 18.53 9.95
N2 ELZ E . 0.39 10.24 8.46
C3 ELZ E . 1.29 10.22 7.36
C1 ELZ E . -0.74 9.35 8.54
O6 ELZ E . 2.97 11.45 9.86
O13 ELZ E . 0.28 19.87 10.27
C15 ELZ E . -1.61 20.58 9.07
N16 ELZ E . -2.06 19.42 8.33
C17 ELZ E . -1.47 18.18 8.37
N18 ELZ E . -2.13 17.37 7.57
C19 ELZ E . -3.14 18.08 7.00
C20 ELZ E . -4.02 17.43 6.07
N21 ELZ E . -3.76 16.08 5.96
O22 ELZ E . -4.90 18.00 5.45
C23 ELZ E . -3.12 19.39 7.45
C24 ELZ E . -4.01 20.48 7.11
O25 ELZ E . -4.53 21.15 7.99
N26 ELZ E . -4.26 20.59 5.75
C27 ELZ E . -5.27 21.42 5.11
C28 ELZ E . -6.02 22.42 5.97
C29 ELZ E . -7.03 23.20 5.14
O30 ELZ E . -6.36 23.86 4.07
C31 ELZ E . -5.74 22.91 3.20
C32 ELZ E . -4.67 22.17 3.93
C33 ELZ E . -0.30 17.74 9.10
C34 ELZ E . 0.09 16.43 8.90
C35 ELZ E . 0.69 11.16 9.41
O36 ELZ E . 0.06 11.37 10.45
S SO4 F . -1.01 -30.29 4.49
O1 SO4 F . -1.08 -31.14 3.28
O2 SO4 F . -1.85 -29.07 4.29
O3 SO4 F . -1.52 -31.05 5.66
O4 SO4 F . 0.39 -29.90 4.74
S SO4 G . 11.38 -14.63 -41.24
O1 SO4 G . 10.05 -14.24 -40.70
O2 SO4 G . 11.30 -14.74 -42.72
O3 SO4 G . 12.39 -13.60 -40.88
O4 SO4 G . 11.79 -15.93 -40.67
C4 ELZ H . 4.60 -8.58 -21.87
C14 ELZ H . -1.95 -4.71 -15.76
C5 ELZ H . 4.01 -9.17 -20.61
C11 ELZ H . 1.37 -5.61 -16.10
C7 ELZ H . 3.34 -8.18 -19.76
C8 ELZ H . 2.72 -7.50 -18.99
C9 ELZ H . 1.87 -6.70 -18.16
C10 ELZ H . 2.21 -6.39 -16.86
C12 ELZ H . 0.18 -5.15 -16.63
N2 ELZ H . 3.29 -10.42 -22.41
C3 ELZ H . 4.27 -9.55 -22.97
C1 ELZ H . 2.57 -11.39 -23.20
O6 ELZ H . 5.06 -9.85 -19.92
O13 ELZ H . -0.56 -4.36 -15.76
C15 ELZ H . -2.59 -3.79 -16.76
N16 ELZ H . -2.42 -4.24 -18.12
C17 ELZ H . -1.37 -4.97 -18.62
N18 ELZ H . -1.56 -5.20 -19.91
C19 ELZ H . -2.74 -4.61 -20.25
C20 ELZ H . -3.24 -4.71 -21.60
N21 ELZ H . -2.49 -5.57 -22.36
O22 ELZ H . -4.21 -4.09 -22.02
C23 ELZ H . -3.30 -4.00 -19.15
C24 ELZ H . -4.55 -3.30 -19.06
O25 ELZ H . -5.44 -3.69 -18.32
N26 ELZ H . -4.67 -2.29 -19.98
C27 ELZ H . -5.98 -1.72 -20.25
C28 ELZ H . -6.56 -0.86 -19.15
C29 ELZ H . -7.98 -0.54 -19.55
O30 ELZ H . -7.96 0.25 -20.75
C31 ELZ H . -7.37 -0.49 -21.83
C32 ELZ H . -5.95 -0.88 -21.50
C33 ELZ H . -0.18 -5.44 -17.94
C34 ELZ H . 0.69 -6.22 -18.69
C35 ELZ H . 3.09 -10.25 -21.07
O36 ELZ H . 2.31 -10.87 -20.36
#